data_3NKN
#
_entry.id   3NKN
#
_cell.length_a   61.580
_cell.length_b   94.617
_cell.length_c   75.372
_cell.angle_alpha   90.000
_cell.angle_beta   94.860
_cell.angle_gamma   90.000
#
_symmetry.space_group_name_H-M   'P 1 21 1'
#
loop_
_entity.id
_entity.type
_entity.pdbx_description
1 polymer 'Ectonucleotide pyrophosphatase/phosphodiesterase family member 2'
2 branched 2-acetamido-2-deoxy-beta-D-glucopyranose-(1-4)-2-acetamido-2-deoxy-beta-D-glucopyranose
3 branched alpha-D-mannopyranose-(1-2)-alpha-D-mannopyranose-(1-3)-alpha-D-mannopyranose-(1-6)-beta-D-mannopyranose-(1-4)-2-acetamido-2-deoxy-beta-D-glucopyranose-(1-4)-2-acetamido-2-deoxy-beta-D-glucopyranose
4 non-polymer 'ZINC ION'
5 non-polymer 'CALCIUM ION'
6 non-polymer 'SODIUM ION'
7 non-polymer 'POTASSIUM ION'
8 non-polymer '(2R)-2-hydroxy-3-(phosphonooxy)propyl tetradecanoate'
9 non-polymer 'THIOCYANATE ION'
10 non-polymer 1,2-ETHANEDIOL
11 water water
#
_entity_poly.entity_id   1
_entity_poly.type   'polypeptide(L)'
_entity_poly.pdbx_seq_one_letter_code
;AEWDEGPPTVLSDSPWTNTSGSCKGRCFELQEVGPPDCRCDNLCKSYSSCCHDFDELCLKTARGWECTKDRCGEVRNEEN
ACHCSEDCLSRGDCCTNYQVVCKGESHWVDDDCEEIRVPECPAGFVRPPLIIFSVDGFRASYMKKGSKVMPNIEKLRSCG
THAPYMRPVYPTKTFPNLYTLATGLYPESHGIVGNSMYDPVFDATFHLRGREKFNHRWWGGQPLWITATKQGVRAGTFFW
SVSIPHERRILTILQWLSLPDNERPSVYAFYSEQPDFSGHKYGPFGPEMTNPLREIDKTVGQLMDGLKQLKLHRCVNVIF
VGDHGMEDVTCDRTEFLSNYLTNVDDITLVPGTLGRIRPKIPNNLKYDPKAIIANLTCKKPDQHFKPYMKQHLPKRLHYA
NNRRIEDLHLLVERRWHVARKPLDVYKKPSGKCFFQGDHGFDNKVNSMQTVFVGYGPTFKYRTKVPPFENIELYNVMCDL
LGLKPAPNNGTHGSLNHLLRTNTFRPTLPEEVSRPNYPGIMYLQSDFDLGCTCDDKNKLEELNKRLHTKGSTEERHLLYG
RPAVLYRTSYDILYHTDFESGYSEIFLMPLWTSYTISKQAEVSSIPEHLTNCVRPDVRVSPGFSQNCLAYKNDKQMSYGF
LFPPYLSSSPEAKYDAFLVTNMVPMYPAFKRVWTYFQRVLVKKYASERNGVNVISGPIFDYNYNGLRDIEDEIKQYVEGS
SIPVPTHYYSIITSCLDFTQPADKCDGPLSVSSFILPHRPDNDESCNSSEDESKWVEELMKMHTARVRDIEHLTGLDFYR
KTSRSYSEILTLKTYLHTYESEISRENLYFQ
;
_entity_poly.pdbx_strand_id   A
#
# COMPACT_ATOMS: atom_id res chain seq x y z
N TRP A 16 -12.46 -29.39 25.80
CA TRP A 16 -12.21 -29.08 27.20
C TRP A 16 -10.73 -29.08 27.55
N THR A 17 -10.31 -28.07 28.30
CA THR A 17 -8.93 -27.97 28.75
C THR A 17 -8.81 -28.21 30.26
N ASN A 18 -7.85 -29.06 30.63
CA ASN A 18 -7.61 -29.45 32.01
C ASN A 18 -6.71 -28.44 32.71
N THR A 19 -7.31 -27.42 33.31
CA THR A 19 -6.56 -26.35 33.97
C THR A 19 -5.79 -26.82 35.20
N SER A 20 -6.00 -28.08 35.59
CA SER A 20 -5.37 -28.58 36.81
C SER A 20 -3.86 -28.77 36.67
N GLY A 21 -3.40 -28.86 35.43
CA GLY A 21 -1.97 -28.93 35.16
C GLY A 21 -1.23 -27.71 35.70
N SER A 22 0.09 -27.71 35.56
CA SER A 22 0.88 -26.61 36.07
C SER A 22 1.83 -26.04 35.01
N CYS A 23 2.05 -24.73 35.06
CA CYS A 23 3.02 -24.09 34.17
C CYS A 23 4.42 -24.11 34.76
N LYS A 24 4.66 -24.99 35.73
CA LYS A 24 6.01 -25.09 36.31
C LYS A 24 7.02 -25.42 35.23
N GLY A 25 8.07 -24.61 35.14
CA GLY A 25 9.09 -24.78 34.11
C GLY A 25 8.58 -24.71 32.68
N ARG A 26 7.40 -24.11 32.49
CA ARG A 26 6.74 -24.10 31.19
C ARG A 26 6.42 -22.68 30.68
N CYS A 27 6.75 -21.66 31.46
CA CYS A 27 6.32 -20.29 31.13
C CYS A 27 6.73 -19.83 29.72
N PHE A 28 5.75 -19.32 28.98
CA PHE A 28 5.95 -18.92 27.60
C PHE A 28 6.72 -19.95 26.80
N GLU A 29 6.39 -21.21 27.02
CA GLU A 29 6.94 -22.31 26.24
C GLU A 29 6.55 -22.08 24.80
N LEU A 30 7.37 -22.57 23.87
CA LEU A 30 7.09 -22.33 22.46
C LEU A 30 6.38 -23.49 21.75
N GLN A 31 6.45 -24.67 22.35
CA GLN A 31 5.80 -25.86 21.82
C GLN A 31 4.28 -25.71 21.78
N GLU A 32 3.67 -26.26 20.74
CA GLU A 32 2.21 -26.25 20.60
C GLU A 32 1.57 -27.25 21.56
N VAL A 33 0.49 -26.84 22.22
CA VAL A 33 -0.20 -27.68 23.20
C VAL A 33 -1.71 -27.49 23.12
N GLY A 34 -2.39 -28.53 22.66
CA GLY A 34 -3.83 -28.48 22.50
C GLY A 34 -4.56 -29.25 23.58
N PRO A 35 -5.88 -29.08 23.68
CA PRO A 35 -6.65 -29.85 24.65
C PRO A 35 -6.27 -31.34 24.57
N PRO A 36 -6.39 -32.06 25.69
CA PRO A 36 -6.96 -31.56 26.94
C PRO A 36 -5.95 -30.80 27.80
N ASP A 37 -4.67 -30.88 27.45
CA ASP A 37 -3.61 -30.23 28.21
C ASP A 37 -3.78 -28.72 28.24
N CYS A 38 -3.50 -28.11 29.39
CA CYS A 38 -3.60 -26.66 29.54
C CYS A 38 -2.30 -25.97 29.08
N ARG A 39 -2.38 -24.68 28.78
CA ARG A 39 -1.27 -23.97 28.14
C ARG A 39 -0.58 -22.95 29.04
N CYS A 40 0.63 -22.55 28.64
CA CYS A 40 1.40 -21.54 29.37
C CYS A 40 2.03 -20.55 28.41
N ASP A 41 1.57 -20.57 27.17
CA ASP A 41 2.08 -19.69 26.14
C ASP A 41 1.50 -18.31 26.32
N ASN A 42 2.04 -17.35 25.57
CA ASN A 42 1.52 -15.99 25.64
C ASN A 42 0.02 -15.83 25.35
N LEU A 43 -0.57 -16.72 24.55
CA LEU A 43 -1.98 -16.57 24.19
C LEU A 43 -3.01 -17.39 24.98
N CYS A 44 -2.57 -18.05 26.05
CA CYS A 44 -3.48 -18.97 26.72
C CYS A 44 -4.67 -18.26 27.34
N LYS A 45 -4.42 -17.07 27.89
CA LYS A 45 -5.45 -16.34 28.61
C LYS A 45 -6.62 -16.03 27.69
N SER A 46 -6.30 -15.88 26.42
CA SER A 46 -7.30 -15.49 25.42
C SER A 46 -8.15 -16.69 25.03
N TYR A 47 -7.65 -17.88 25.31
CA TYR A 47 -8.37 -19.12 25.00
C TYR A 47 -8.90 -19.77 26.27
N SER A 48 -8.72 -19.10 27.41
CA SER A 48 -9.10 -19.68 28.69
C SER A 48 -8.63 -21.14 28.71
N SER A 49 -7.32 -21.30 28.60
CA SER A 49 -6.74 -22.63 28.53
C SER A 49 -5.45 -22.61 29.30
N CYS A 50 -5.23 -21.52 30.03
CA CYS A 50 -4.05 -21.42 30.89
C CYS A 50 -4.15 -22.44 32.02
N CYS A 51 -2.99 -22.92 32.47
CA CYS A 51 -2.95 -23.74 33.67
C CYS A 51 -3.31 -22.83 34.86
N HIS A 52 -3.65 -23.44 35.99
CA HIS A 52 -4.19 -22.70 37.12
C HIS A 52 -3.16 -21.78 37.76
N ASP A 53 -1.90 -22.02 37.46
CA ASP A 53 -0.83 -21.24 38.07
C ASP A 53 -0.06 -20.43 37.03
N PHE A 54 -0.69 -20.15 35.89
CA PHE A 54 -0.07 -19.30 34.87
C PHE A 54 0.25 -17.91 35.41
N ASP A 55 -0.78 -17.17 35.82
CA ASP A 55 -0.58 -15.81 36.31
C ASP A 55 0.44 -15.77 37.44
N GLU A 56 0.38 -16.77 38.32
CA GLU A 56 1.29 -16.85 39.46
C GLU A 56 2.74 -17.12 39.07
N LEU A 57 2.95 -18.09 38.19
CA LEU A 57 4.31 -18.47 37.80
C LEU A 57 4.91 -17.63 36.67
N CYS A 58 4.06 -17.21 35.73
CA CYS A 58 4.56 -16.62 34.50
C CYS A 58 4.46 -15.11 34.42
N LEU A 59 3.63 -14.52 35.27
CA LEU A 59 3.39 -13.09 35.22
C LEU A 59 3.78 -12.43 36.54
N LYS A 60 5.01 -12.70 37.00
CA LYS A 60 5.47 -12.11 38.25
C LYS A 60 5.73 -10.63 38.07
N THR A 61 5.47 -9.86 39.12
CA THR A 61 5.62 -8.41 39.07
C THR A 61 6.50 -7.90 40.20
N ALA A 62 6.77 -8.77 41.16
CA ALA A 62 7.54 -8.44 42.38
C ALA A 62 8.79 -7.59 42.14
N ARG A 63 8.80 -6.40 42.75
CA ARG A 63 9.96 -5.53 42.74
C ARG A 63 10.16 -4.77 41.42
N GLY A 64 9.18 -4.86 40.52
CA GLY A 64 9.24 -4.05 39.31
C GLY A 64 10.28 -4.54 38.33
N TRP A 65 10.71 -3.66 37.43
CA TRP A 65 11.42 -4.08 36.21
C TRP A 65 12.86 -3.61 36.15
N GLU A 66 13.34 -2.98 37.21
CA GLU A 66 14.68 -2.41 37.20
C GLU A 66 15.56 -2.86 38.37
N CYS A 67 16.81 -3.18 38.06
CA CYS A 67 17.80 -3.38 39.11
C CYS A 67 18.09 -2.05 39.79
N THR A 68 18.28 -2.10 41.11
CA THR A 68 18.78 -0.97 41.90
C THR A 68 20.04 -1.43 42.65
N LYS A 69 20.92 -0.49 42.99
CA LYS A 69 22.20 -0.85 43.62
C LYS A 69 22.05 -1.87 44.76
N ASP A 70 21.00 -1.71 45.56
CA ASP A 70 20.80 -2.57 46.73
C ASP A 70 20.41 -3.99 46.34
N ARG A 71 20.18 -4.24 45.06
CA ARG A 71 19.81 -5.58 44.61
C ARG A 71 20.99 -6.32 44.02
N CYS A 72 22.05 -5.57 43.73
CA CYS A 72 23.20 -6.14 43.03
C CYS A 72 23.81 -7.30 43.78
N GLY A 73 24.05 -8.40 43.07
CA GLY A 73 24.59 -9.60 43.65
C GLY A 73 23.72 -10.18 44.75
N GLU A 74 22.42 -9.90 44.66
CA GLU A 74 21.46 -10.45 45.61
C GLU A 74 21.47 -11.97 45.52
N VAL A 75 20.81 -12.63 46.47
CA VAL A 75 20.51 -14.03 46.28
C VAL A 75 19.16 -14.13 45.56
N ARG A 76 19.09 -15.11 44.67
CA ARG A 76 17.96 -15.31 43.79
C ARG A 76 16.63 -15.61 44.49
N ASN A 77 15.68 -14.69 44.38
CA ASN A 77 14.31 -14.94 44.81
C ASN A 77 13.41 -15.09 43.58
N GLU A 78 12.95 -16.31 43.33
CA GLU A 78 12.16 -16.63 42.13
C GLU A 78 10.82 -15.90 42.10
N GLU A 79 10.53 -15.12 43.13
CA GLU A 79 9.27 -14.39 43.21
C GLU A 79 9.38 -13.07 42.45
N ASN A 80 10.61 -12.64 42.22
CA ASN A 80 10.87 -11.35 41.60
C ASN A 80 10.57 -11.36 40.09
N ALA A 81 10.13 -10.19 39.60
CA ALA A 81 9.83 -10.02 38.17
C ALA A 81 11.05 -10.33 37.29
N CYS A 82 12.18 -9.75 37.65
CA CYS A 82 13.46 -10.03 37.00
C CYS A 82 14.57 -10.00 38.06
N HIS A 83 15.78 -10.39 37.68
CA HIS A 83 16.81 -10.69 38.68
C HIS A 83 18.06 -9.83 38.54
N CYS A 84 18.77 -9.69 39.66
CA CYS A 84 19.97 -8.87 39.72
C CYS A 84 21.06 -9.65 40.47
N SER A 85 20.85 -10.96 40.55
CA SER A 85 21.80 -11.89 41.15
C SER A 85 22.88 -12.30 40.15
N GLU A 86 23.99 -12.80 40.66
CA GLU A 86 25.17 -13.09 39.83
C GLU A 86 24.91 -14.14 38.74
N ASP A 87 23.94 -15.02 38.95
CA ASP A 87 23.65 -16.08 37.98
C ASP A 87 22.69 -15.64 36.88
N CYS A 88 22.16 -14.42 36.99
CA CYS A 88 21.04 -14.02 36.16
C CYS A 88 21.38 -14.04 34.68
N LEU A 89 22.63 -13.72 34.36
CA LEU A 89 23.11 -13.68 32.98
C LEU A 89 22.98 -15.02 32.26
N SER A 90 23.59 -16.07 32.80
CA SER A 90 23.57 -17.37 32.12
C SER A 90 22.19 -18.02 32.18
N ARG A 91 21.34 -17.54 33.09
CA ARG A 91 19.96 -18.01 33.17
C ARG A 91 19.05 -17.16 32.30
N GLY A 92 19.61 -16.08 31.76
CA GLY A 92 18.92 -15.23 30.78
C GLY A 92 17.72 -14.46 31.30
N ASP A 93 17.77 -14.00 32.54
CA ASP A 93 16.62 -13.29 33.09
C ASP A 93 17.00 -12.17 34.05
N CYS A 94 18.13 -11.54 33.80
CA CYS A 94 18.45 -10.29 34.47
C CYS A 94 17.41 -9.23 34.11
N CYS A 95 17.15 -8.28 35.00
CA CYS A 95 16.50 -7.04 34.57
C CYS A 95 17.37 -6.44 33.48
N THR A 96 16.78 -5.71 32.54
CA THR A 96 17.55 -5.25 31.38
C THR A 96 18.68 -4.27 31.72
N ASN A 97 18.55 -3.60 32.86
CA ASN A 97 19.54 -2.59 33.25
C ASN A 97 20.54 -3.13 34.24
N TYR A 98 20.54 -4.45 34.41
CA TYR A 98 21.39 -5.10 35.40
C TYR A 98 22.86 -4.71 35.29
N GLN A 99 23.44 -4.87 34.10
CA GLN A 99 24.85 -4.57 33.91
C GLN A 99 25.20 -3.10 34.13
N VAL A 100 24.32 -2.19 33.72
CA VAL A 100 24.60 -0.77 33.90
C VAL A 100 24.68 -0.45 35.39
N VAL A 101 23.75 -1.02 36.13
CA VAL A 101 23.59 -0.67 37.54
C VAL A 101 24.58 -1.43 38.39
N CYS A 102 24.79 -2.70 38.05
CA CYS A 102 25.57 -3.62 38.87
C CYS A 102 27.01 -3.85 38.40
N LYS A 103 27.29 -3.57 37.13
CA LYS A 103 28.62 -3.86 36.57
C LYS A 103 29.27 -2.68 35.86
N GLY A 104 28.72 -1.48 36.03
CA GLY A 104 29.32 -0.29 35.44
C GLY A 104 29.29 -0.16 33.92
N GLU A 105 28.45 -0.95 33.25
CA GLU A 105 28.28 -0.77 31.81
C GLU A 105 27.45 0.46 31.47
N SER A 106 27.48 0.84 30.20
CA SER A 106 26.69 1.98 29.73
C SER A 106 25.37 1.49 29.11
N HIS A 107 24.31 2.27 29.24
CA HIS A 107 23.11 2.02 28.43
C HIS A 107 23.52 2.05 26.98
N TRP A 108 22.86 1.23 26.16
CA TRP A 108 23.12 1.24 24.73
C TRP A 108 22.97 2.63 24.10
N VAL A 109 22.03 3.41 24.60
CA VAL A 109 21.72 4.68 23.95
C VAL A 109 22.90 5.64 24.09
N ASP A 110 23.72 5.44 25.13
CA ASP A 110 24.82 6.35 25.42
C ASP A 110 26.10 6.00 24.65
N ASP A 111 26.06 4.87 23.96
CA ASP A 111 27.20 4.44 23.16
C ASP A 111 27.16 5.04 21.79
N ASP A 112 28.32 5.48 21.31
CA ASP A 112 28.40 6.00 19.96
C ASP A 112 28.04 4.94 18.94
N CYS A 113 27.33 5.40 17.92
CA CYS A 113 26.96 4.54 16.81
CA CYS A 113 26.95 4.57 16.80
C CYS A 113 28.19 4.10 16.04
N GLU A 114 28.21 2.83 15.64
CA GLU A 114 29.31 2.31 14.86
C GLU A 114 28.79 1.38 13.77
N GLU A 115 29.24 1.59 12.53
CA GLU A 115 28.78 0.75 11.44
C GLU A 115 28.90 -0.75 11.76
N ILE A 116 27.84 -1.51 11.48
CA ILE A 116 27.88 -2.97 11.64
C ILE A 116 28.01 -3.59 10.27
N ARG A 117 29.24 -3.92 9.86
CA ARG A 117 29.48 -4.37 8.51
C ARG A 117 29.16 -5.86 8.28
N VAL A 118 29.22 -6.64 9.36
CA VAL A 118 28.81 -8.03 9.29
C VAL A 118 28.23 -8.41 10.64
N PRO A 119 27.35 -9.43 10.66
CA PRO A 119 26.81 -9.73 12.00
C PRO A 119 27.90 -10.18 12.99
N GLU A 120 27.86 -9.63 14.19
CA GLU A 120 28.72 -10.06 15.27
C GLU A 120 27.90 -10.84 16.28
N CYS A 121 27.75 -12.14 16.00
CA CYS A 121 26.82 -12.97 16.75
C CYS A 121 27.60 -14.00 17.55
N PRO A 122 27.09 -14.36 18.73
CA PRO A 122 27.78 -15.29 19.62
C PRO A 122 27.87 -16.66 19.01
N ALA A 123 28.59 -17.54 19.69
CA ALA A 123 28.69 -18.94 19.29
C ALA A 123 27.30 -19.53 19.13
N GLY A 124 27.05 -20.16 18.00
CA GLY A 124 25.83 -20.94 17.84
C GLY A 124 24.77 -20.26 17.00
N PHE A 125 24.92 -18.95 16.80
CA PHE A 125 24.02 -18.20 15.93
C PHE A 125 24.48 -18.34 14.49
N VAL A 126 23.61 -18.87 13.63
CA VAL A 126 23.95 -19.12 12.26
C VAL A 126 23.54 -17.92 11.41
N ARG A 127 22.46 -17.24 11.82
CA ARG A 127 21.98 -16.08 11.07
C ARG A 127 21.51 -15.03 12.05
N PRO A 128 21.53 -13.76 11.64
CA PRO A 128 21.02 -12.67 12.49
C PRO A 128 19.54 -12.88 12.78
N PRO A 129 19.15 -12.93 14.06
CA PRO A 129 17.71 -12.93 14.37
C PRO A 129 17.06 -11.65 13.83
N LEU A 130 15.74 -11.71 13.58
CA LEU A 130 14.96 -10.51 13.22
C LEU A 130 13.98 -10.17 14.34
N ILE A 131 13.97 -8.93 14.81
CA ILE A 131 13.00 -8.50 15.81
C ILE A 131 12.16 -7.38 15.21
N ILE A 132 10.84 -7.60 15.15
CA ILE A 132 9.93 -6.59 14.60
C ILE A 132 9.33 -5.87 15.80
N PHE A 133 9.56 -4.57 15.90
CA PHE A 133 9.08 -3.78 17.03
C PHE A 133 7.98 -2.90 16.46
N SER A 134 6.73 -3.31 16.62
CA SER A 134 5.63 -2.55 16.02
C SER A 134 4.96 -1.63 17.04
N VAL A 135 4.63 -0.42 16.60
CA VAL A 135 4.04 0.54 17.50
C VAL A 135 2.75 1.01 16.86
N ASP A 136 1.70 1.16 17.65
CA ASP A 136 0.40 1.44 17.07
C ASP A 136 0.17 2.94 17.00
N GLY A 137 -0.28 3.42 15.85
CA GLY A 137 -0.68 4.81 15.71
C GLY A 137 0.49 5.77 15.75
N PHE A 138 1.68 5.27 15.41
CA PHE A 138 2.90 6.09 15.40
C PHE A 138 2.98 6.93 14.13
N ARG A 139 2.52 8.16 14.23
CA ARG A 139 2.59 9.09 13.15
C ARG A 139 4.03 9.38 12.75
N ALA A 140 4.28 9.39 11.45
CA ALA A 140 5.62 9.58 10.92
C ALA A 140 6.23 10.86 11.47
N SER A 141 5.42 11.92 11.57
CA SER A 141 5.93 13.20 12.03
C SER A 141 6.35 13.19 13.51
N TYR A 142 5.92 12.20 14.29
CA TYR A 142 6.41 12.09 15.69
C TYR A 142 7.93 11.99 15.77
N MET A 143 8.55 11.44 14.74
CA MET A 143 10.01 11.25 14.69
C MET A 143 10.76 12.58 14.79
N LYS A 144 10.17 13.64 14.27
CA LYS A 144 10.77 14.98 14.41
C LYS A 144 10.97 15.41 15.87
N LYS A 145 10.36 14.71 16.80
CA LYS A 145 10.54 15.01 18.23
C LYS A 145 11.94 14.61 18.69
N GLY A 146 12.56 13.70 17.94
CA GLY A 146 13.99 13.46 18.04
C GLY A 146 14.50 12.97 19.38
N SER A 147 15.80 13.14 19.61
CA SER A 147 16.44 12.55 20.78
C SER A 147 16.05 13.21 22.09
N LYS A 148 15.44 14.40 22.02
CA LYS A 148 14.98 15.07 23.22
C LYS A 148 13.86 14.29 23.87
N VAL A 149 13.12 13.54 23.06
CA VAL A 149 12.02 12.78 23.61
C VAL A 149 12.27 11.30 23.43
N MET A 150 12.93 10.93 22.33
CA MET A 150 13.04 9.50 21.99
C MET A 150 14.46 9.12 21.66
N PRO A 151 15.34 9.18 22.66
CA PRO A 151 16.76 9.02 22.34
C PRO A 151 17.14 7.65 21.75
N ASN A 152 16.59 6.57 22.30
CA ASN A 152 16.87 5.24 21.75
C ASN A 152 16.39 5.10 20.32
N ILE A 153 15.17 5.54 20.09
CA ILE A 153 14.61 5.47 18.74
C ILE A 153 15.35 6.39 17.78
N GLU A 154 15.72 7.57 18.24
CA GLU A 154 16.53 8.45 17.40
C GLU A 154 17.86 7.85 17.02
N LYS A 155 18.46 7.08 17.93
CA LYS A 155 19.71 6.37 17.59
C LYS A 155 19.47 5.31 16.53
N LEU A 156 18.44 4.49 16.71
CA LEU A 156 18.07 3.55 15.66
C LEU A 156 17.89 4.27 14.32
N ARG A 157 17.13 5.38 14.34
CA ARG A 157 16.77 6.09 13.13
C ARG A 157 17.99 6.69 12.43
N SER A 158 18.79 7.42 13.19
CA SER A 158 19.94 8.10 12.58
C SER A 158 21.08 7.16 12.14
N CYS A 159 21.32 6.09 12.92
CA CYS A 159 22.43 5.19 12.61
CA CYS A 159 22.42 5.16 12.66
C CYS A 159 22.05 4.07 11.65
N GLY A 160 20.76 3.72 11.60
CA GLY A 160 20.33 2.70 10.66
C GLY A 160 19.87 3.25 9.34
N THR A 161 18.91 2.53 8.76
CA THR A 161 18.24 2.86 7.53
C THR A 161 16.84 3.34 7.88
N HIS A 162 16.47 4.54 7.44
CA HIS A 162 15.13 5.04 7.72
C HIS A 162 14.46 5.65 6.50
N ALA A 163 13.14 5.55 6.46
CA ALA A 163 12.37 6.30 5.46
C ALA A 163 11.75 7.50 6.17
N PRO A 164 11.48 8.57 5.41
CA PRO A 164 10.83 9.71 6.04
C PRO A 164 9.40 9.34 6.48
N TYR A 165 8.79 8.37 5.80
CA TYR A 165 7.54 7.79 6.24
C TYR A 165 7.26 6.53 5.48
N MET A 166 6.33 5.72 6.00
CA MET A 166 5.87 4.52 5.31
C MET A 166 4.35 4.62 5.10
N ARG A 167 3.88 4.29 3.89
CA ARG A 167 2.46 4.36 3.55
C ARG A 167 1.76 3.07 4.02
N PRO A 168 0.72 3.23 4.85
CA PRO A 168 -0.11 2.12 5.31
C PRO A 168 -1.10 1.69 4.20
N VAL A 169 -1.88 0.62 4.40
CA VAL A 169 -2.95 0.34 3.44
C VAL A 169 -4.25 0.96 3.94
N TYR A 170 -5.20 1.12 3.01
CA TYR A 170 -6.54 1.60 3.36
C TYR A 170 -7.41 0.38 3.69
N PRO A 171 -8.31 0.47 4.68
CA PRO A 171 -8.46 1.59 5.60
C PRO A 171 -7.30 1.65 6.59
N THR A 172 -6.92 2.85 6.97
CA THR A 172 -5.74 3.05 7.79
C THR A 172 -6.04 2.83 9.28
N LYS A 173 -6.47 1.61 9.60
CA LYS A 173 -6.71 1.14 10.94
C LYS A 173 -5.83 -0.08 11.25
N THR A 174 -5.87 -0.52 12.50
CA THR A 174 -4.87 -1.49 12.99
C THR A 174 -4.89 -2.89 12.39
N PHE A 175 -6.03 -3.57 12.46
CA PHE A 175 -6.06 -4.95 11.98
C PHE A 175 -5.70 -5.11 10.50
N PRO A 176 -6.29 -4.29 9.61
CA PRO A 176 -5.89 -4.41 8.19
C PRO A 176 -4.40 -4.16 7.99
N ASN A 177 -3.86 -3.23 8.73
CA ASN A 177 -2.45 -2.93 8.55
C ASN A 177 -1.47 -3.90 9.19
N LEU A 178 -1.74 -4.35 10.39
CA LEU A 178 -0.82 -5.34 10.97
C LEU A 178 -0.86 -6.62 10.12
N TYR A 179 -2.02 -7.00 9.61
CA TYR A 179 -2.03 -8.23 8.86
C TYR A 179 -1.40 -8.04 7.48
N THR A 180 -1.55 -6.85 6.91
CA THR A 180 -0.85 -6.53 5.69
C THR A 180 0.66 -6.60 5.94
N LEU A 181 1.12 -6.02 7.06
CA LEU A 181 2.58 -6.12 7.35
C LEU A 181 3.02 -7.59 7.36
N ALA A 182 2.22 -8.44 8.00
CA ALA A 182 2.57 -9.86 8.11
C ALA A 182 2.50 -10.67 6.81
N THR A 183 1.74 -10.21 5.82
CA THR A 183 1.46 -11.05 4.65
C THR A 183 1.91 -10.50 3.31
N GLY A 184 2.21 -9.20 3.23
CA GLY A 184 2.47 -8.58 1.95
C GLY A 184 1.24 -8.40 1.05
N LEU A 185 0.06 -8.61 1.60
CA LEU A 185 -1.17 -8.54 0.81
C LEU A 185 -2.02 -7.29 1.08
N TYR A 186 -2.72 -6.83 0.05
CA TYR A 186 -3.83 -5.88 0.24
C TYR A 186 -4.89 -6.55 1.11
N PRO A 187 -5.58 -5.76 1.95
CA PRO A 187 -6.70 -6.31 2.75
C PRO A 187 -7.72 -7.08 1.89
N GLU A 188 -8.04 -6.61 0.69
CA GLU A 188 -9.07 -7.25 -0.13
C GLU A 188 -8.64 -8.69 -0.43
N SER A 189 -7.34 -8.92 -0.40
CA SER A 189 -6.79 -10.24 -0.62
C SER A 189 -6.60 -11.04 0.67
N HIS A 190 -6.06 -10.44 1.73
CA HIS A 190 -5.87 -11.22 2.95
C HIS A 190 -7.17 -11.43 3.79
N GLY A 191 -8.17 -10.60 3.49
CA GLY A 191 -9.48 -10.72 4.10
C GLY A 191 -9.81 -9.86 5.32
N ILE A 192 -8.83 -9.25 5.95
CA ILE A 192 -9.05 -8.45 7.14
C ILE A 192 -9.27 -7.02 6.60
N VAL A 193 -10.48 -6.78 6.12
CA VAL A 193 -10.76 -5.55 5.39
C VAL A 193 -11.19 -4.39 6.29
N GLY A 194 -11.38 -4.67 7.57
CA GLY A 194 -11.57 -3.62 8.58
C GLY A 194 -11.30 -4.16 9.99
N ASN A 195 -11.29 -3.29 11.01
CA ASN A 195 -11.27 -3.77 12.39
C ASN A 195 -12.59 -4.48 12.71
N SER A 196 -13.64 -4.07 12.00
CA SER A 196 -14.90 -4.77 12.09
C SER A 196 -15.32 -5.09 10.69
N MET A 197 -15.93 -6.26 10.51
CA MET A 197 -16.52 -6.59 9.21
C MET A 197 -17.59 -7.66 9.32
N TYR A 198 -18.47 -7.65 8.33
CA TYR A 198 -19.51 -8.65 8.22
C TYR A 198 -19.26 -9.49 7.00
N ASP A 199 -19.22 -10.82 7.16
CA ASP A 199 -19.11 -11.71 6.01
C ASP A 199 -20.48 -12.34 5.69
N PRO A 200 -21.04 -12.01 4.52
CA PRO A 200 -22.42 -12.43 4.25
C PRO A 200 -22.55 -13.94 4.06
N VAL A 201 -21.46 -14.61 3.66
CA VAL A 201 -21.45 -16.06 3.57
C VAL A 201 -21.38 -16.75 4.95
N PHE A 202 -20.47 -16.32 5.83
CA PHE A 202 -20.46 -16.82 7.19
C PHE A 202 -21.75 -16.37 7.91
N ASP A 203 -22.33 -15.28 7.44
CA ASP A 203 -23.33 -14.55 8.21
C ASP A 203 -22.83 -14.37 9.64
N ALA A 204 -21.61 -13.83 9.75
CA ALA A 204 -21.02 -13.61 11.04
C ALA A 204 -20.28 -12.30 11.03
N THR A 205 -20.01 -11.75 12.21
CA THR A 205 -19.40 -10.45 12.33
C THR A 205 -18.11 -10.57 13.14
N PHE A 206 -17.06 -9.94 12.63
CA PHE A 206 -15.71 -9.93 13.19
C PHE A 206 -15.54 -8.59 13.87
N HIS A 207 -15.05 -8.59 15.11
CA HIS A 207 -14.72 -7.34 15.84
C HIS A 207 -13.33 -7.39 16.48
N LEU A 208 -12.70 -6.22 16.58
CA LEU A 208 -11.38 -6.07 17.16
C LEU A 208 -11.38 -6.74 18.54
N ARG A 209 -12.46 -6.54 19.28
CA ARG A 209 -12.65 -7.16 20.59
C ARG A 209 -13.70 -8.26 20.48
N GLY A 210 -13.52 -9.36 21.22
CA GLY A 210 -14.44 -10.49 21.10
C GLY A 210 -13.77 -11.73 20.52
N ARG A 211 -14.43 -12.88 20.61
CA ARG A 211 -13.78 -14.15 20.28
C ARG A 211 -13.82 -14.59 18.82
N GLU A 212 -14.78 -14.07 18.06
CA GLU A 212 -14.97 -14.47 16.66
C GLU A 212 -13.68 -14.35 15.83
N LYS A 213 -12.91 -13.30 16.11
CA LYS A 213 -11.68 -13.02 15.36
C LYS A 213 -10.66 -14.15 15.53
N PHE A 214 -10.77 -14.93 16.60
CA PHE A 214 -9.85 -16.04 16.81
C PHE A 214 -10.09 -17.20 15.85
N ASN A 215 -11.27 -17.25 15.24
CA ASN A 215 -11.59 -18.27 14.22
C ASN A 215 -10.73 -18.08 12.95
N HIS A 216 -10.07 -19.14 12.49
CA HIS A 216 -9.10 -18.99 11.41
C HIS A 216 -9.72 -18.69 10.04
N ARG A 217 -11.02 -18.94 9.88
CA ARG A 217 -11.70 -18.69 8.61
C ARG A 217 -11.56 -17.24 8.15
N TRP A 218 -11.28 -16.31 9.06
CA TRP A 218 -11.21 -14.90 8.65
C TRP A 218 -9.91 -14.55 7.95
N TRP A 219 -8.85 -15.26 8.29
CA TRP A 219 -7.48 -14.85 7.97
C TRP A 219 -6.90 -15.57 6.73
N GLY A 220 -6.76 -14.86 5.62
CA GLY A 220 -6.22 -15.43 4.40
C GLY A 220 -4.74 -15.16 4.19
N GLY A 221 -4.23 -15.54 3.02
CA GLY A 221 -2.82 -15.36 2.70
C GLY A 221 -1.96 -16.27 3.58
N GLN A 222 -0.69 -15.91 3.71
CA GLN A 222 0.21 -16.68 4.53
C GLN A 222 1.14 -15.75 5.31
N PRO A 223 0.81 -15.50 6.60
CA PRO A 223 1.57 -14.54 7.40
C PRO A 223 2.99 -15.05 7.66
N LEU A 224 3.90 -14.11 7.97
CA LEU A 224 5.31 -14.43 8.14
C LEU A 224 5.62 -15.62 9.06
N TRP A 225 4.91 -15.73 10.18
CA TRP A 225 5.20 -16.83 11.12
C TRP A 225 4.92 -18.21 10.52
N ILE A 226 3.88 -18.30 9.70
CA ILE A 226 3.60 -19.53 8.97
C ILE A 226 4.60 -19.80 7.85
N THR A 227 4.94 -18.77 7.07
CA THR A 227 5.99 -18.91 6.05
C THR A 227 7.31 -19.39 6.67
N ALA A 228 7.67 -18.82 7.82
CA ALA A 228 8.87 -19.20 8.53
C ALA A 228 8.79 -20.67 8.96
N THR A 229 7.72 -21.01 9.65
CA THR A 229 7.53 -22.37 10.16
C THR A 229 7.57 -23.43 9.06
N LYS A 230 6.83 -23.18 7.97
CA LYS A 230 6.77 -24.13 6.86
C LYS A 230 8.13 -24.31 6.19
N GLN A 231 9.02 -23.34 6.34
CA GLN A 231 10.36 -23.46 5.79
C GLN A 231 11.42 -23.78 6.85
N GLY A 232 10.97 -24.31 7.97
CA GLY A 232 11.83 -24.78 9.05
C GLY A 232 12.56 -23.68 9.79
N VAL A 233 11.99 -22.47 9.81
CA VAL A 233 12.52 -21.38 10.62
C VAL A 233 11.58 -21.09 11.79
N ARG A 234 12.13 -21.05 13.00
CA ARG A 234 11.26 -20.94 14.15
C ARG A 234 10.91 -19.48 14.47
N ALA A 235 9.65 -19.25 14.84
CA ALA A 235 9.15 -17.89 15.12
C ALA A 235 8.72 -17.77 16.56
N GLY A 236 9.04 -16.65 17.22
CA GLY A 236 8.47 -16.30 18.51
C GLY A 236 6.99 -15.92 18.30
N THR A 237 6.30 -15.50 19.36
CA THR A 237 4.87 -15.13 19.23
C THR A 237 4.64 -13.85 18.42
N PHE A 238 3.61 -13.82 17.59
CA PHE A 238 3.23 -12.58 16.92
C PHE A 238 1.89 -12.09 17.47
N PHE A 239 1.59 -12.51 18.70
CA PHE A 239 0.41 -11.99 19.39
C PHE A 239 0.78 -11.84 20.83
N TRP A 240 0.31 -10.78 21.48
CA TRP A 240 0.52 -10.63 22.90
C TRP A 240 -0.82 -10.32 23.55
N SER A 241 -1.15 -11.05 24.62
CA SER A 241 -2.36 -10.77 25.40
C SER A 241 -2.27 -9.37 25.97
N VAL A 242 -3.38 -8.63 25.87
CA VAL A 242 -3.41 -7.26 26.34
C VAL A 242 -2.93 -7.13 27.78
N SER A 243 -3.16 -8.16 28.58
CA SER A 243 -2.89 -8.10 30.01
C SER A 243 -1.43 -8.29 30.39
N ILE A 244 -0.58 -8.58 29.42
CA ILE A 244 0.83 -8.80 29.70
C ILE A 244 1.60 -7.48 29.52
N PRO A 245 2.21 -6.98 30.61
CA PRO A 245 2.88 -5.68 30.53
C PRO A 245 4.01 -5.65 29.49
N HIS A 246 4.31 -4.49 28.92
CA HIS A 246 5.38 -4.40 27.94
C HIS A 246 6.72 -4.92 28.43
N GLU A 247 7.03 -4.65 29.69
CA GLU A 247 8.31 -5.08 30.24
C GLU A 247 8.42 -6.62 30.25
N ARG A 248 7.31 -7.30 30.51
CA ARG A 248 7.28 -8.77 30.50
C ARG A 248 7.44 -9.28 29.06
N ARG A 249 6.84 -8.57 28.10
CA ARG A 249 7.03 -8.93 26.70
C ARG A 249 8.48 -8.87 26.29
N ILE A 250 9.14 -7.77 26.66
CA ILE A 250 10.56 -7.59 26.37
C ILE A 250 11.40 -8.67 27.07
N LEU A 251 11.15 -8.91 28.35
CA LEU A 251 11.95 -9.95 29.06
C LEU A 251 11.76 -11.32 28.44
N THR A 252 10.55 -11.58 27.96
CA THR A 252 10.25 -12.86 27.35
C THR A 252 11.07 -13.03 26.08
N ILE A 253 11.10 -12.02 25.21
CA ILE A 253 11.90 -12.07 23.99
C ILE A 253 13.36 -12.33 24.33
N LEU A 254 13.88 -11.61 25.31
CA LEU A 254 15.27 -11.79 25.69
C LEU A 254 15.53 -13.18 26.26
N GLN A 255 14.57 -13.71 27.01
CA GLN A 255 14.70 -15.08 27.53
C GLN A 255 14.70 -16.08 26.37
N TRP A 256 13.77 -15.93 25.44
CA TRP A 256 13.78 -16.79 24.27
C TRP A 256 15.11 -16.72 23.49
N LEU A 257 15.71 -15.53 23.40
CA LEU A 257 16.98 -15.37 22.69
C LEU A 257 18.13 -16.07 23.41
N SER A 258 17.94 -16.39 24.69
CA SER A 258 18.95 -17.04 25.51
C SER A 258 18.80 -18.56 25.54
N LEU A 259 17.83 -19.08 24.79
CA LEU A 259 17.57 -20.51 24.78
C LEU A 259 18.69 -21.27 24.07
N PRO A 260 18.74 -22.58 24.27
CA PRO A 260 19.64 -23.47 23.53
C PRO A 260 19.49 -23.28 22.03
N ASP A 261 20.61 -23.38 21.32
CA ASP A 261 20.63 -23.33 19.86
C ASP A 261 19.50 -24.10 19.19
N ASN A 262 19.08 -25.22 19.80
CA ASN A 262 18.09 -26.07 19.14
C ASN A 262 16.65 -25.67 19.47
N GLU A 263 16.49 -24.65 20.32
CA GLU A 263 15.16 -24.15 20.64
C GLU A 263 14.94 -22.68 20.25
N ARG A 264 16.03 -21.93 20.06
CA ARG A 264 15.95 -20.48 19.89
C ARG A 264 15.19 -20.04 18.62
N PRO A 265 14.15 -19.18 18.75
CA PRO A 265 13.53 -18.68 17.51
C PRO A 265 14.41 -17.74 16.70
N SER A 266 14.12 -17.60 15.40
CA SER A 266 14.87 -16.69 14.54
C SER A 266 14.14 -15.35 14.33
N VAL A 267 12.83 -15.35 14.52
CA VAL A 267 12.06 -14.10 14.31
C VAL A 267 11.19 -13.85 15.51
N TYR A 268 11.10 -12.57 15.92
CA TYR A 268 10.41 -12.16 17.11
C TYR A 268 9.58 -10.94 16.75
N ALA A 269 8.48 -10.76 17.47
CA ALA A 269 7.68 -9.56 17.33
C ALA A 269 7.32 -9.00 18.69
N PHE A 270 7.45 -7.68 18.81
CA PHE A 270 6.97 -6.96 19.97
C PHE A 270 5.89 -6.03 19.45
N TYR A 271 4.84 -5.82 20.24
CA TYR A 271 3.79 -4.86 19.88
C TYR A 271 3.45 -3.95 21.04
N SER A 272 3.29 -2.66 20.72
CA SER A 272 2.81 -1.69 21.69
C SER A 272 1.54 -1.04 21.23
N GLU A 273 0.55 -0.91 22.12
CA GLU A 273 -0.72 -0.28 21.76
C GLU A 273 -0.61 1.25 21.78
N GLN A 274 0.53 1.74 22.26
CA GLN A 274 0.86 3.17 22.19
C GLN A 274 1.76 3.48 20.97
N PRO A 275 1.76 4.74 20.48
CA PRO A 275 1.07 5.90 21.02
C PRO A 275 -0.40 6.06 20.55
N ASP A 276 -0.98 5.01 19.99
CA ASP A 276 -2.35 5.08 19.47
C ASP A 276 -3.36 5.50 20.52
N PHE A 277 -3.36 4.83 21.66
CA PHE A 277 -4.32 5.15 22.71
C PHE A 277 -4.29 6.62 23.11
N SER A 278 -3.09 7.11 23.42
CA SER A 278 -2.97 8.52 23.76
C SER A 278 -3.31 9.45 22.59
N GLY A 279 -3.00 9.05 21.35
CA GLY A 279 -3.41 9.83 20.21
C GLY A 279 -4.91 10.03 20.09
N HIS A 280 -5.69 8.96 20.30
CA HIS A 280 -7.15 9.06 20.32
C HIS A 280 -7.66 10.02 21.41
N LYS A 281 -7.08 9.94 22.59
CA LYS A 281 -7.55 10.75 23.72
C LYS A 281 -7.23 12.24 23.54
N TYR A 282 -6.01 12.53 23.07
CA TYR A 282 -5.48 13.89 23.11
C TYR A 282 -5.25 14.53 21.76
N GLY A 283 -5.33 13.75 20.68
CA GLY A 283 -4.97 14.24 19.36
C GLY A 283 -3.47 14.16 19.18
N PRO A 284 -2.98 14.23 17.93
CA PRO A 284 -1.56 14.02 17.65
C PRO A 284 -0.62 15.17 18.02
N PHE A 285 -1.12 16.38 18.24
CA PHE A 285 -0.26 17.52 18.52
C PHE A 285 -0.41 17.97 19.98
N GLY A 286 -1.17 17.21 20.76
CA GLY A 286 -1.32 17.45 22.18
C GLY A 286 0.01 17.42 22.91
N PRO A 287 0.19 18.30 23.90
CA PRO A 287 1.39 18.14 24.74
C PRO A 287 1.34 16.82 25.48
N GLU A 288 0.15 16.24 25.61
CA GLU A 288 0.06 15.00 26.38
C GLU A 288 0.72 13.82 25.65
N MET A 289 1.15 14.04 24.41
CA MET A 289 1.76 12.95 23.60
C MET A 289 3.21 12.70 23.97
N THR A 290 3.82 13.67 24.64
CA THR A 290 5.20 13.50 25.02
C THR A 290 5.40 12.29 25.91
N ASN A 291 4.59 12.15 26.97
CA ASN A 291 4.79 11.05 27.91
C ASN A 291 4.73 9.68 27.25
N PRO A 292 3.70 9.43 26.43
CA PRO A 292 3.60 8.09 25.83
C PRO A 292 4.79 7.76 24.97
N LEU A 293 5.27 8.77 24.24
CA LEU A 293 6.40 8.59 23.36
C LEU A 293 7.68 8.33 24.17
N ARG A 294 7.78 8.95 25.33
CA ARG A 294 8.92 8.66 26.21
C ARG A 294 8.89 7.21 26.67
N GLU A 295 7.68 6.72 26.95
CA GLU A 295 7.52 5.37 27.51
C GLU A 295 7.90 4.33 26.47
N ILE A 296 7.46 4.52 25.24
CA ILE A 296 7.88 3.63 24.15
C ILE A 296 9.39 3.66 23.99
N ASP A 297 9.96 4.86 24.04
CA ASP A 297 11.40 4.92 23.96
C ASP A 297 12.10 4.16 25.08
N LYS A 298 11.56 4.25 26.30
CA LYS A 298 12.13 3.50 27.42
C LYS A 298 12.08 2.00 27.12
N THR A 299 10.98 1.55 26.53
CA THR A 299 10.85 0.14 26.14
C THR A 299 11.87 -0.26 25.08
N VAL A 300 12.05 0.57 24.06
CA VAL A 300 13.10 0.29 23.09
C VAL A 300 14.48 0.19 23.80
N GLY A 301 14.69 1.02 24.82
CA GLY A 301 15.97 1.03 25.53
C GLY A 301 16.17 -0.21 26.36
N GLN A 302 15.09 -0.69 26.97
CA GLN A 302 15.13 -1.95 27.70
C GLN A 302 15.57 -3.04 26.74
N LEU A 303 14.97 -3.06 25.55
CA LEU A 303 15.31 -4.09 24.58
C LEU A 303 16.75 -3.99 24.14
N MET A 304 17.19 -2.77 23.83
CA MET A 304 18.57 -2.59 23.36
C MET A 304 19.61 -2.89 24.47
N ASP A 305 19.34 -2.43 25.69
CA ASP A 305 20.19 -2.77 26.86
C ASP A 305 20.23 -4.27 27.05
N GLY A 306 19.06 -4.89 26.94
CA GLY A 306 18.95 -6.33 27.04
C GLY A 306 19.78 -7.05 26.00
N LEU A 307 19.74 -6.57 24.76
CA LEU A 307 20.48 -7.21 23.69
C LEU A 307 21.99 -7.06 23.91
N LYS A 308 22.39 -5.88 24.36
CA LYS A 308 23.80 -5.58 24.62
C LYS A 308 24.28 -6.52 25.74
N GLN A 309 23.48 -6.65 26.80
CA GLN A 309 23.78 -7.61 27.87
C GLN A 309 24.04 -9.01 27.32
N LEU A 310 23.37 -9.35 26.23
CA LEU A 310 23.47 -10.68 25.66
C LEU A 310 24.48 -10.72 24.54
N LYS A 311 25.15 -9.60 24.30
CA LYS A 311 26.14 -9.51 23.25
C LYS A 311 25.50 -9.73 21.89
N LEU A 312 24.29 -9.18 21.73
CA LEU A 312 23.46 -9.36 20.54
C LEU A 312 23.20 -8.05 19.81
N HIS A 313 23.66 -6.94 20.36
CA HIS A 313 23.26 -5.63 19.86
C HIS A 313 23.86 -5.31 18.51
N ARG A 314 24.84 -6.11 18.09
CA ARG A 314 25.44 -5.96 16.77
C ARG A 314 25.27 -7.27 15.99
N CYS A 315 24.25 -8.02 16.39
CA CYS A 315 23.92 -9.30 15.80
C CYS A 315 22.49 -9.28 15.17
N VAL A 316 21.53 -8.75 15.93
CA VAL A 316 20.12 -8.81 15.56
C VAL A 316 19.75 -7.71 14.56
N ASN A 317 18.80 -7.99 13.67
CA ASN A 317 18.21 -6.95 12.87
C ASN A 317 16.93 -6.52 13.54
N VAL A 318 16.79 -5.22 13.74
CA VAL A 318 15.60 -4.65 14.35
C VAL A 318 14.80 -3.84 13.34
N ILE A 319 13.50 -4.12 13.26
CA ILE A 319 12.64 -3.28 12.43
C ILE A 319 11.70 -2.54 13.37
N PHE A 320 11.69 -1.21 13.28
CA PHE A 320 10.82 -0.37 14.09
C PHE A 320 9.78 0.17 13.13
N VAL A 321 8.52 -0.20 13.34
CA VAL A 321 7.55 0.05 12.27
C VAL A 321 6.16 0.33 12.85
N GLY A 322 5.45 1.30 12.26
CA GLY A 322 4.10 1.62 12.68
C GLY A 322 3.04 0.99 11.78
N ASP A 323 1.80 0.96 12.27
CA ASP A 323 0.68 0.49 11.45
C ASP A 323 -0.08 1.58 10.69
N HIS A 324 -0.14 2.79 11.28
CA HIS A 324 -0.76 3.95 10.63
C HIS A 324 -0.48 5.15 11.50
N GLY A 325 -0.89 6.31 11.01
CA GLY A 325 -0.78 7.56 11.76
C GLY A 325 -1.97 7.96 12.60
N MET A 326 -2.15 9.27 12.76
CA MET A 326 -3.15 9.82 13.67
C MET A 326 -3.49 11.25 13.24
N GLU A 327 -4.77 11.58 13.24
CA GLU A 327 -5.24 12.89 12.75
C GLU A 327 -6.03 13.58 13.85
N ASP A 328 -6.14 14.90 13.78
CA ASP A 328 -7.03 15.68 14.66
C ASP A 328 -8.48 15.42 14.23
N VAL A 329 -9.26 14.75 15.06
CA VAL A 329 -10.66 14.46 14.78
C VAL A 329 -11.42 14.67 16.10
N THR A 330 -12.35 15.61 16.13
CA THR A 330 -13.11 15.89 17.36
C THR A 330 -14.63 15.68 17.16
N CYS A 331 -15.37 15.60 18.26
CA CYS A 331 -16.84 15.50 18.20
C CYS A 331 -17.48 16.58 17.33
N ASP A 332 -16.92 17.78 17.38
CA ASP A 332 -17.50 18.89 16.61
C ASP A 332 -17.51 18.69 15.10
N ARG A 333 -16.74 17.71 14.61
CA ARG A 333 -16.62 17.53 13.16
C ARG A 333 -17.20 16.18 12.76
N THR A 334 -18.51 16.05 12.92
CA THR A 334 -19.17 14.81 12.57
C THR A 334 -20.32 15.04 11.58
N GLU A 335 -20.25 14.42 10.41
CA GLU A 335 -21.42 14.42 9.50
C GLU A 335 -22.40 13.33 9.92
N PHE A 336 -23.70 13.59 9.85
CA PHE A 336 -24.69 12.55 10.13
C PHE A 336 -25.46 12.17 8.87
N LEU A 337 -25.61 10.89 8.60
CA LEU A 337 -26.37 10.44 7.43
C LEU A 337 -27.86 10.84 7.54
N SER A 338 -28.35 10.89 8.77
CA SER A 338 -29.74 11.29 9.01
C SER A 338 -30.04 12.66 8.40
N ASN A 339 -29.02 13.48 8.18
CA ASN A 339 -29.22 14.75 7.50
C ASN A 339 -29.44 14.63 6.00
N TYR A 340 -29.25 13.42 5.46
CA TYR A 340 -29.27 13.22 4.02
C TYR A 340 -30.31 12.18 3.68
N LEU A 341 -30.57 11.26 4.61
CA LEU A 341 -31.40 10.10 4.31
C LEU A 341 -32.59 10.08 5.26
N THR A 342 -33.73 9.63 4.76
CA THR A 342 -34.96 9.68 5.52
C THR A 342 -35.04 8.65 6.64
N ASN A 343 -34.62 7.42 6.39
CA ASN A 343 -34.70 6.36 7.41
C ASN A 343 -33.40 5.63 7.69
N VAL A 344 -32.51 6.26 8.46
CA VAL A 344 -31.22 5.65 8.75
C VAL A 344 -31.33 4.45 9.67
N ASP A 345 -32.49 4.23 10.27
CA ASP A 345 -32.63 3.11 11.20
C ASP A 345 -32.69 1.76 10.50
N ASP A 346 -32.86 1.78 9.17
CA ASP A 346 -32.89 0.57 8.35
C ASP A 346 -31.54 0.18 7.71
N ILE A 347 -30.50 0.97 7.96
CA ILE A 347 -29.16 0.63 7.45
C ILE A 347 -28.20 0.44 8.61
N THR A 348 -27.17 -0.35 8.37
CA THR A 348 -26.09 -0.47 9.31
C THR A 348 -24.92 0.28 8.70
N LEU A 349 -24.24 1.08 9.51
CA LEU A 349 -23.07 1.82 9.03
C LEU A 349 -21.84 1.47 9.83
N VAL A 350 -20.80 0.98 9.15
CA VAL A 350 -19.46 0.97 9.71
C VAL A 350 -18.98 2.43 9.66
N PRO A 351 -18.83 3.07 10.82
CA PRO A 351 -18.74 4.54 10.82
C PRO A 351 -17.34 5.07 11.10
N GLY A 352 -17.25 6.39 11.15
CA GLY A 352 -16.05 7.05 11.67
C GLY A 352 -15.25 7.70 10.56
N THR A 353 -14.00 7.25 10.38
CA THR A 353 -13.09 7.88 9.44
C THR A 353 -13.22 7.21 8.05
N LEU A 354 -14.17 6.28 7.95
CA LEU A 354 -14.60 5.69 6.67
C LEU A 354 -16.06 5.31 6.85
N GLY A 355 -16.77 5.03 5.74
CA GLY A 355 -18.12 4.50 5.89
C GLY A 355 -18.34 3.30 4.99
N ARG A 356 -18.97 2.25 5.52
CA ARG A 356 -19.40 1.14 4.67
C ARG A 356 -20.87 0.93 5.04
N ILE A 357 -21.76 0.84 4.06
CA ILE A 357 -23.20 0.79 4.34
C ILE A 357 -23.81 -0.49 3.78
N ARG A 358 -24.66 -1.12 4.58
CA ARG A 358 -25.42 -2.29 4.17
C ARG A 358 -26.75 -2.19 4.91
N PRO A 359 -27.77 -2.91 4.45
CA PRO A 359 -29.04 -2.98 5.16
C PRO A 359 -28.88 -3.56 6.56
N LYS A 360 -29.61 -3.02 7.52
CA LYS A 360 -29.57 -3.53 8.88
C LYS A 360 -29.96 -5.00 8.87
N ILE A 361 -31.00 -5.32 8.13
CA ILE A 361 -31.39 -6.71 7.94
C ILE A 361 -30.70 -7.22 6.70
N PRO A 362 -29.80 -8.21 6.86
CA PRO A 362 -29.04 -8.71 5.73
C PRO A 362 -29.98 -9.10 4.62
N ASN A 363 -29.62 -8.72 3.40
CA ASN A 363 -30.38 -9.08 2.21
C ASN A 363 -31.78 -8.43 2.15
N ASN A 364 -32.03 -7.44 3.01
CA ASN A 364 -33.30 -6.71 2.99
C ASN A 364 -33.61 -6.23 1.59
N LEU A 365 -34.69 -6.75 1.01
CA LEU A 365 -35.00 -6.47 -0.38
C LEU A 365 -35.35 -5.00 -0.65
N LYS A 366 -35.76 -4.26 0.38
CA LYS A 366 -36.16 -2.87 0.18
C LYS A 366 -34.98 -1.89 0.26
N TYR A 367 -33.80 -2.42 0.53
CA TYR A 367 -32.57 -1.65 0.41
C TYR A 367 -32.47 -1.00 -0.99
N ASP A 368 -32.32 0.33 -1.04
CA ASP A 368 -32.29 1.06 -2.32
C ASP A 368 -30.98 1.83 -2.54
N PRO A 369 -29.89 1.12 -2.87
CA PRO A 369 -28.57 1.74 -2.98
C PRO A 369 -28.46 2.91 -3.96
N LYS A 370 -29.13 2.84 -5.11
CA LYS A 370 -29.07 3.96 -6.04
C LYS A 370 -29.73 5.23 -5.49
N ALA A 371 -30.84 5.07 -4.78
CA ALA A 371 -31.49 6.22 -4.13
C ALA A 371 -30.62 6.76 -2.99
N ILE A 372 -30.02 5.86 -2.22
CA ILE A 372 -29.13 6.29 -1.13
C ILE A 372 -27.95 7.09 -1.69
N ILE A 373 -27.25 6.53 -2.68
CA ILE A 373 -26.14 7.24 -3.29
C ILE A 373 -26.55 8.60 -3.84
N ALA A 374 -27.69 8.65 -4.52
CA ALA A 374 -28.14 9.94 -5.06
C ALA A 374 -28.33 10.99 -3.94
N ASN A 375 -28.96 10.63 -2.82
CA ASN A 375 -29.11 11.53 -1.69
C ASN A 375 -27.80 11.92 -0.97
N LEU A 376 -26.72 11.19 -1.25
CA LEU A 376 -25.42 11.42 -0.59
C LEU A 376 -24.43 12.14 -1.51
N THR A 377 -24.85 12.43 -2.73
CA THR A 377 -23.95 13.01 -3.72
C THR A 377 -24.06 14.51 -3.79
N CYS A 378 -23.00 15.21 -3.38
CA CYS A 378 -22.91 16.67 -3.57
C CYS A 378 -24.13 17.44 -3.08
N LYS A 379 -24.57 17.11 -1.87
CA LYS A 379 -25.77 17.70 -1.30
C LYS A 379 -25.50 18.88 -0.38
N LYS A 380 -24.27 18.99 0.14
CA LYS A 380 -23.85 20.20 0.88
C LYS A 380 -22.63 20.76 0.21
N PRO A 381 -22.50 22.08 0.21
CA PRO A 381 -21.33 22.74 -0.36
C PRO A 381 -20.04 22.28 0.32
N ASP A 382 -20.07 22.07 1.63
CA ASP A 382 -18.86 21.72 2.34
C ASP A 382 -18.82 20.24 2.72
N GLN A 383 -19.52 19.42 1.96
CA GLN A 383 -19.73 18.04 2.37
C GLN A 383 -18.40 17.33 2.65
N HIS A 384 -18.31 16.72 3.82
CA HIS A 384 -17.04 16.20 4.32
C HIS A 384 -16.90 14.70 4.14
N PHE A 385 -17.63 14.17 3.16
CA PHE A 385 -17.39 12.80 2.69
C PHE A 385 -17.89 12.68 1.26
N LYS A 386 -17.54 11.58 0.60
CA LYS A 386 -18.02 11.34 -0.77
C LYS A 386 -18.40 9.88 -0.94
N PRO A 387 -19.63 9.59 -1.43
CA PRO A 387 -20.02 8.20 -1.61
C PRO A 387 -19.44 7.64 -2.90
N TYR A 388 -19.09 6.36 -2.86
CA TYR A 388 -18.60 5.62 -4.00
C TYR A 388 -19.20 4.24 -3.94
N MET A 389 -19.65 3.72 -5.08
CA MET A 389 -19.74 2.28 -5.22
C MET A 389 -18.28 1.80 -5.23
N LYS A 390 -17.99 0.63 -4.66
CA LYS A 390 -16.59 0.28 -4.41
C LYS A 390 -15.76 0.16 -5.69
N GLN A 391 -16.38 -0.23 -6.81
CA GLN A 391 -15.64 -0.31 -8.06
C GLN A 391 -15.18 1.06 -8.56
N HIS A 392 -15.75 2.12 -7.98
CA HIS A 392 -15.41 3.46 -8.41
C HIS A 392 -14.33 4.10 -7.54
N LEU A 393 -13.98 3.44 -6.43
CA LEU A 393 -12.89 3.97 -5.58
C LEU A 393 -11.60 4.02 -6.38
N PRO A 394 -10.74 4.98 -6.06
CA PRO A 394 -9.44 5.02 -6.73
C PRO A 394 -8.79 3.66 -6.68
N LYS A 395 -8.27 3.24 -7.83
CA LYS A 395 -7.67 1.93 -7.99
C LYS A 395 -6.45 1.74 -7.10
N ARG A 396 -5.74 2.84 -6.78
CA ARG A 396 -4.59 2.76 -5.89
C ARG A 396 -4.96 2.22 -4.49
N LEU A 397 -6.22 2.34 -4.08
CA LEU A 397 -6.63 1.84 -2.77
C LEU A 397 -6.78 0.32 -2.77
N HIS A 398 -6.97 -0.29 -3.95
CA HIS A 398 -7.09 -1.74 -4.02
C HIS A 398 -8.12 -2.27 -3.03
N TYR A 399 -9.28 -1.59 -2.97
CA TYR A 399 -10.27 -1.88 -1.94
C TYR A 399 -11.65 -2.26 -2.49
N ALA A 400 -11.75 -3.39 -3.17
CA ALA A 400 -13.05 -3.73 -3.74
C ALA A 400 -13.30 -5.22 -3.87
N ASN A 401 -12.23 -5.98 -4.14
CA ASN A 401 -12.40 -7.39 -4.50
C ASN A 401 -12.49 -8.36 -3.32
N ASN A 402 -13.52 -8.16 -2.49
CA ASN A 402 -13.76 -9.02 -1.35
C ASN A 402 -15.23 -8.89 -0.98
N ARG A 403 -15.85 -10.02 -0.68
CA ARG A 403 -17.28 -10.06 -0.33
C ARG A 403 -17.59 -9.36 1.00
N ARG A 404 -16.56 -9.11 1.81
CA ARG A 404 -16.74 -8.43 3.08
C ARG A 404 -16.68 -6.92 2.92
N ILE A 405 -16.39 -6.45 1.70
CA ILE A 405 -16.40 -4.99 1.47
C ILE A 405 -17.76 -4.60 0.89
N GLU A 406 -18.53 -3.84 1.67
CA GLU A 406 -19.86 -3.41 1.20
C GLU A 406 -19.76 -2.69 -0.14
N ASP A 407 -20.77 -2.86 -0.99
CA ASP A 407 -20.82 -2.15 -2.26
C ASP A 407 -20.74 -0.63 -2.08
N LEU A 408 -21.49 -0.11 -1.11
CA LEU A 408 -21.51 1.33 -0.85
C LEU A 408 -20.43 1.75 0.16
N HIS A 409 -19.57 2.68 -0.25
CA HIS A 409 -18.47 3.12 0.60
C HIS A 409 -18.56 4.63 0.74
N LEU A 410 -18.15 5.19 1.89
CA LEU A 410 -17.96 6.60 1.96
C LEU A 410 -16.50 6.88 2.23
N LEU A 411 -15.87 7.66 1.37
CA LEU A 411 -14.52 8.15 1.60
C LEU A 411 -14.67 9.42 2.39
N VAL A 412 -14.09 9.45 3.58
CA VAL A 412 -14.33 10.57 4.51
C VAL A 412 -13.19 11.60 4.45
N GLU A 413 -13.50 12.88 4.53
CA GLU A 413 -12.44 13.89 4.48
C GLU A 413 -11.60 13.84 5.76
N ARG A 414 -10.29 14.09 5.65
CA ARG A 414 -9.44 14.09 6.84
C ARG A 414 -9.98 15.09 7.88
N ARG A 415 -9.85 14.72 9.17
CA ARG A 415 -10.32 15.51 10.31
C ARG A 415 -11.81 15.36 10.60
N TRP A 416 -12.50 14.56 9.79
CA TRP A 416 -13.94 14.34 9.99
C TRP A 416 -14.35 12.93 10.32
N HIS A 417 -15.52 12.82 10.93
CA HIS A 417 -16.18 11.55 11.15
C HIS A 417 -17.51 11.55 10.41
N VAL A 418 -17.96 10.36 10.03
CA VAL A 418 -19.33 10.15 9.52
C VAL A 418 -20.05 9.21 10.48
N ALA A 419 -21.26 9.59 10.88
CA ALA A 419 -22.06 8.77 11.77
C ALA A 419 -23.47 8.62 11.21
N ARG A 420 -24.20 7.64 11.74
CA ARG A 420 -25.52 7.36 11.22
C ARG A 420 -26.49 8.47 11.65
N LYS A 421 -26.44 8.85 12.93
CA LYS A 421 -27.35 9.88 13.46
C LYS A 421 -26.85 10.45 14.79
N PRO A 422 -27.39 11.61 15.20
CA PRO A 422 -26.88 12.25 16.42
C PRO A 422 -27.10 11.38 17.65
N LEU A 423 -28.17 10.61 17.66
CA LEU A 423 -28.44 9.72 18.79
C LEU A 423 -27.36 8.64 18.97
N CYS A 433 -14.20 16.73 23.47
CA CYS A 433 -14.79 15.51 24.02
C CYS A 433 -13.74 14.54 24.51
N PHE A 434 -14.14 13.29 24.72
CA PHE A 434 -13.23 12.22 25.13
C PHE A 434 -12.30 11.72 24.02
N PHE A 435 -12.49 12.20 22.81
CA PHE A 435 -11.55 11.83 21.75
C PHE A 435 -11.22 13.05 20.91
N GLN A 436 -9.94 13.21 20.60
CA GLN A 436 -9.50 14.32 19.79
C GLN A 436 -8.60 13.81 18.66
N GLY A 437 -8.44 12.49 18.56
CA GLY A 437 -7.66 11.93 17.50
C GLY A 437 -8.32 10.70 16.90
N ASP A 438 -8.13 10.50 15.60
CA ASP A 438 -8.55 9.25 14.98
C ASP A 438 -7.76 9.02 13.67
N HIS A 439 -8.02 7.88 13.04
CA HIS A 439 -7.34 7.51 11.81
C HIS A 439 -8.23 6.51 11.07
N GLY A 440 -7.87 6.17 9.84
CA GLY A 440 -8.69 5.32 9.00
C GLY A 440 -8.88 5.83 7.58
N PHE A 441 -8.57 7.10 7.41
CA PHE A 441 -8.72 7.82 6.14
C PHE A 441 -7.84 7.26 5.02
N ASP A 442 -8.20 7.64 3.79
CA ASP A 442 -7.38 7.47 2.58
C ASP A 442 -5.90 7.39 2.94
N ASN A 443 -5.24 6.34 2.49
CA ASN A 443 -3.84 6.09 2.86
C ASN A 443 -2.78 7.00 2.22
N LYS A 444 -3.19 7.92 1.36
CA LYS A 444 -2.24 8.95 0.90
C LYS A 444 -2.23 10.25 1.75
N VAL A 445 -3.20 10.36 2.66
CA VAL A 445 -3.31 11.49 3.59
C VAL A 445 -2.08 11.62 4.49
N ASN A 446 -1.43 12.79 4.53
CA ASN A 446 -0.20 12.89 5.31
C ASN A 446 -0.29 12.44 6.75
N SER A 447 -1.39 12.78 7.41
CA SER A 447 -1.52 12.46 8.81
C SER A 447 -1.57 10.94 9.02
N MET A 448 -1.87 10.18 7.96
CA MET A 448 -1.97 8.71 8.11
C MET A 448 -0.65 7.98 7.94
N GLN A 449 0.36 8.69 7.48
CA GLN A 449 1.65 8.05 7.22
C GLN A 449 2.29 7.59 8.52
N THR A 450 3.07 6.53 8.45
CA THR A 450 3.64 5.96 9.67
C THR A 450 5.15 5.80 9.55
N VAL A 451 5.76 5.05 10.45
CA VAL A 451 7.22 5.01 10.58
CA VAL A 451 7.22 5.02 10.50
C VAL A 451 7.83 3.70 10.07
N PHE A 452 9.05 3.81 9.55
CA PHE A 452 9.91 2.64 9.31
C PHE A 452 11.39 2.97 9.55
N VAL A 453 12.04 2.14 10.37
CA VAL A 453 13.49 2.15 10.56
C VAL A 453 13.98 0.72 10.58
N GLY A 454 15.10 0.45 9.90
CA GLY A 454 15.77 -0.84 10.00
C GLY A 454 17.16 -0.62 10.55
N TYR A 455 17.55 -1.43 11.53
CA TYR A 455 18.87 -1.28 12.12
C TYR A 455 19.45 -2.66 12.33
N GLY A 456 20.72 -2.82 11.95
CA GLY A 456 21.39 -4.09 12.15
C GLY A 456 22.30 -4.42 10.99
N PRO A 457 22.97 -5.57 11.07
CA PRO A 457 24.01 -5.91 10.11
C PRO A 457 23.48 -5.99 8.68
N THR A 458 22.19 -6.30 8.49
CA THR A 458 21.70 -6.49 7.13
C THR A 458 21.20 -5.19 6.50
N PHE A 459 20.89 -4.21 7.34
CA PHE A 459 20.49 -2.90 6.82
C PHE A 459 21.70 -2.02 6.51
N LYS A 460 21.50 -0.96 5.74
CA LYS A 460 22.55 0.00 5.54
C LYS A 460 22.78 0.91 6.75
N TYR A 461 23.92 1.58 6.77
CA TYR A 461 24.32 2.40 7.89
C TYR A 461 24.06 3.87 7.53
N ARG A 462 23.44 4.62 8.43
CA ARG A 462 23.18 6.05 8.19
C ARG A 462 22.65 6.33 6.78
N THR A 463 21.57 5.65 6.41
CA THR A 463 21.04 5.79 5.08
C THR A 463 19.55 6.14 5.15
N LYS A 464 19.15 7.13 4.36
CA LYS A 464 17.75 7.49 4.19
C LYS A 464 17.25 6.91 2.87
N VAL A 465 16.02 6.40 2.88
CA VAL A 465 15.43 5.85 1.65
C VAL A 465 14.10 6.53 1.39
N PRO A 466 13.64 6.53 0.13
CA PRO A 466 12.39 7.24 -0.08
C PRO A 466 11.24 6.49 0.60
N PRO A 467 10.10 7.17 0.79
CA PRO A 467 8.96 6.49 1.39
C PRO A 467 8.53 5.31 0.53
N PHE A 468 7.95 4.31 1.18
CA PHE A 468 7.52 3.12 0.44
C PHE A 468 6.31 2.57 1.15
N GLU A 469 5.66 1.58 0.54
CA GLU A 469 4.41 1.02 1.07
C GLU A 469 4.65 -0.22 1.93
N ASN A 470 3.83 -0.37 2.94
CA ASN A 470 3.98 -1.46 3.88
C ASN A 470 3.79 -2.84 3.26
N ILE A 471 3.12 -2.91 2.13
CA ILE A 471 2.95 -4.19 1.45
C ILE A 471 4.30 -4.76 0.99
N GLU A 472 5.33 -3.91 0.95
CA GLU A 472 6.63 -4.33 0.44
C GLU A 472 7.46 -5.04 1.52
N LEU A 473 7.07 -4.90 2.78
CA LEU A 473 7.94 -5.34 3.87
C LEU A 473 8.01 -6.85 4.04
N TYR A 474 6.91 -7.53 3.74
CA TYR A 474 6.90 -8.98 3.87
C TYR A 474 8.08 -9.62 3.07
N ASN A 475 8.24 -9.22 1.82
CA ASN A 475 9.34 -9.76 0.99
C ASN A 475 10.69 -9.54 1.67
N VAL A 476 10.88 -8.35 2.22
CA VAL A 476 12.15 -7.92 2.81
C VAL A 476 12.41 -8.70 4.10
N MET A 477 11.36 -8.97 4.86
CA MET A 477 11.50 -9.75 6.09
C MET A 477 11.81 -11.21 5.70
N CYS A 478 11.22 -11.67 4.60
CA CYS A 478 11.56 -13.00 4.10
C CYS A 478 13.04 -13.06 3.70
N ASP A 479 13.52 -12.04 2.97
CA ASP A 479 14.93 -11.90 2.64
C ASP A 479 15.80 -11.95 3.89
N LEU A 480 15.40 -11.21 4.92
CA LEU A 480 16.20 -11.12 6.15
C LEU A 480 16.25 -12.45 6.88
N LEU A 481 15.34 -13.36 6.55
CA LEU A 481 15.28 -14.64 7.25
C LEU A 481 15.63 -15.82 6.37
N GLY A 482 16.02 -15.55 5.14
CA GLY A 482 16.33 -16.60 4.19
C GLY A 482 15.10 -17.35 3.70
N LEU A 483 13.93 -16.71 3.78
CA LEU A 483 12.70 -17.37 3.40
C LEU A 483 12.28 -17.02 1.97
N LYS A 484 11.57 -17.93 1.32
CA LYS A 484 10.94 -17.64 0.05
C LYS A 484 9.49 -17.18 0.29
N PRO A 485 9.18 -15.94 -0.10
CA PRO A 485 7.85 -15.39 0.21
C PRO A 485 6.73 -16.10 -0.53
N ALA A 486 5.59 -16.28 0.13
CA ALA A 486 4.37 -16.71 -0.55
C ALA A 486 3.94 -15.59 -1.49
N PRO A 487 3.11 -15.90 -2.51
CA PRO A 487 2.72 -14.89 -3.49
C PRO A 487 2.11 -13.68 -2.79
N ASN A 488 2.56 -12.49 -3.13
CA ASN A 488 1.97 -11.35 -2.42
C ASN A 488 1.98 -10.12 -3.29
N ASN A 489 1.58 -8.95 -2.75
CA ASN A 489 1.48 -7.77 -3.59
C ASN A 489 2.68 -6.82 -3.63
N GLY A 490 3.71 -7.09 -2.82
CA GLY A 490 4.99 -6.40 -2.95
C GLY A 490 5.58 -6.65 -4.32
N THR A 491 6.59 -5.86 -4.65
CA THR A 491 7.32 -6.03 -5.90
C THR A 491 8.75 -6.34 -5.42
N HIS A 492 9.10 -7.62 -5.48
CA HIS A 492 10.32 -8.11 -4.87
C HIS A 492 11.56 -7.62 -5.60
N GLY A 493 12.38 -6.85 -4.88
CA GLY A 493 13.53 -6.17 -5.46
C GLY A 493 13.39 -4.67 -5.31
N SER A 494 12.14 -4.20 -5.18
CA SER A 494 11.86 -2.77 -5.10
C SER A 494 12.45 -2.12 -3.85
N LEU A 495 12.75 -2.92 -2.83
CA LEU A 495 13.37 -2.39 -1.61
C LEU A 495 14.80 -2.88 -1.41
N ASN A 496 15.42 -3.37 -2.47
CA ASN A 496 16.80 -3.84 -2.34
C ASN A 496 17.73 -2.75 -1.79
N HIS A 497 17.40 -1.51 -2.09
CA HIS A 497 18.25 -0.39 -1.65
C HIS A 497 18.27 -0.14 -0.14
N LEU A 498 17.46 -0.88 0.62
CA LEU A 498 17.46 -0.75 2.08
C LEU A 498 18.53 -1.62 2.70
N LEU A 499 19.04 -2.56 1.91
CA LEU A 499 19.85 -3.65 2.44
C LEU A 499 21.32 -3.57 2.00
N ARG A 500 22.21 -3.93 2.93
CA ARG A 500 23.64 -4.09 2.66
C ARG A 500 23.88 -5.41 1.96
N THR A 501 23.10 -6.41 2.36
CA THR A 501 23.27 -7.77 1.86
C THR A 501 21.91 -8.45 1.86
N ASN A 502 21.84 -9.69 1.37
CA ASN A 502 20.59 -10.47 1.32
C ASN A 502 19.57 -9.90 0.32
N THR A 503 20.05 -9.10 -0.63
CA THR A 503 19.17 -8.50 -1.62
C THR A 503 18.60 -9.61 -2.52
N PHE A 504 17.50 -9.32 -3.19
CA PHE A 504 16.88 -10.30 -4.07
C PHE A 504 17.18 -9.96 -5.52
N ARG A 505 17.78 -10.90 -6.26
CA ARG A 505 18.07 -10.60 -7.67
C ARG A 505 16.83 -10.86 -8.51
N PRO A 506 16.16 -9.78 -8.95
CA PRO A 506 14.90 -9.99 -9.65
C PRO A 506 15.22 -10.38 -11.08
N THR A 507 14.26 -10.99 -11.75
CA THR A 507 14.46 -11.34 -13.14
C THR A 507 13.34 -10.72 -13.95
N LEU A 508 13.70 -10.15 -15.09
CA LEU A 508 12.75 -9.56 -16.02
C LEU A 508 11.74 -10.62 -16.47
N PRO A 509 10.45 -10.29 -16.45
CA PRO A 509 9.46 -11.26 -16.96
C PRO A 509 9.65 -11.45 -18.46
N GLU A 510 9.49 -12.69 -18.94
CA GLU A 510 9.59 -12.95 -20.37
C GLU A 510 8.33 -12.49 -21.11
N GLU A 511 8.53 -11.83 -22.23
CA GLU A 511 7.43 -11.44 -23.10
C GLU A 511 6.72 -12.67 -23.61
N VAL A 512 5.40 -12.58 -23.70
CA VAL A 512 4.59 -13.70 -24.11
C VAL A 512 4.15 -13.56 -25.55
N SER A 513 3.78 -12.36 -25.95
CA SER A 513 3.36 -12.12 -27.31
C SER A 513 4.29 -11.12 -27.99
N ARG A 514 4.97 -11.57 -29.04
CA ARG A 514 5.74 -10.69 -29.90
C ARG A 514 4.78 -9.96 -30.85
N PRO A 515 5.09 -8.70 -31.17
CA PRO A 515 4.24 -7.88 -32.05
C PRO A 515 4.36 -8.28 -33.52
N ASN A 516 3.33 -7.94 -34.29
CA ASN A 516 3.44 -7.95 -35.73
C ASN A 516 3.87 -6.55 -36.13
N TYR A 517 4.50 -6.44 -37.29
CA TYR A 517 4.88 -5.15 -37.84
C TYR A 517 4.29 -5.02 -39.24
N PRO A 518 2.97 -4.74 -39.32
CA PRO A 518 2.29 -4.68 -40.61
C PRO A 518 2.71 -3.46 -41.45
N GLY A 519 2.95 -3.69 -42.74
CA GLY A 519 3.12 -2.61 -43.68
C GLY A 519 1.78 -2.40 -44.37
N ILE A 520 1.74 -1.53 -45.37
CA ILE A 520 0.52 -1.36 -46.16
C ILE A 520 0.05 -2.68 -46.77
N MET A 521 -1.25 -2.92 -46.74
CA MET A 521 -1.81 -4.16 -47.26
C MET A 521 -3.21 -3.91 -47.81
N TYR A 522 -3.72 -2.70 -47.60
CA TYR A 522 -5.08 -2.37 -48.02
C TYR A 522 -5.17 -1.02 -48.72
N LEU A 523 -6.33 -0.76 -49.30
CA LEU A 523 -6.59 0.50 -49.98
C LEU A 523 -7.73 1.20 -49.26
N GLN A 524 -7.68 2.53 -49.24
CA GLN A 524 -8.77 3.31 -48.65
C GLN A 524 -10.11 2.77 -49.12
N SER A 525 -10.10 2.21 -50.33
CA SER A 525 -11.32 1.67 -50.94
C SER A 525 -11.75 0.36 -50.29
N ASP A 526 -10.83 -0.30 -49.60
CA ASP A 526 -11.13 -1.58 -48.96
C ASP A 526 -12.00 -1.42 -47.71
N PHE A 527 -12.21 -0.18 -47.27
CA PHE A 527 -12.82 0.10 -45.97
C PHE A 527 -14.26 0.62 -46.05
N ASP A 528 -15.14 0.01 -45.27
CA ASP A 528 -16.52 0.45 -45.18
C ASP A 528 -16.92 0.65 -43.71
N LEU A 529 -16.37 1.68 -43.09
CA LEU A 529 -16.50 1.86 -41.64
C LEU A 529 -17.46 2.97 -41.22
N GLY A 530 -17.90 3.78 -42.18
CA GLY A 530 -18.80 4.87 -41.87
C GLY A 530 -18.02 6.11 -41.45
N CYS A 531 -16.71 6.07 -41.63
CA CYS A 531 -15.88 7.18 -41.24
C CYS A 531 -15.70 8.19 -42.37
N THR A 532 -15.72 9.47 -42.03
CA THR A 532 -15.49 10.51 -43.01
C THR A 532 -14.40 11.43 -42.53
N CYS A 533 -13.52 11.81 -43.45
CA CYS A 533 -12.57 12.86 -43.17
C CYS A 533 -12.66 13.87 -44.30
N ASP A 534 -13.42 14.94 -44.05
CA ASP A 534 -13.67 15.96 -45.05
C ASP A 534 -12.40 16.33 -45.79
N ASP A 535 -11.52 17.10 -45.17
CA ASP A 535 -10.32 17.51 -45.89
C ASP A 535 -9.32 16.37 -46.02
N LYS A 536 -8.57 16.38 -47.12
CA LYS A 536 -7.58 15.35 -47.38
C LYS A 536 -6.36 15.94 -48.09
N SER A 551 13.18 6.43 -37.30
CA SER A 551 13.65 6.83 -35.98
C SER A 551 12.50 7.38 -35.13
N THR A 552 11.31 6.84 -35.37
CA THR A 552 10.15 7.20 -34.55
C THR A 552 10.35 6.66 -33.15
N GLU A 553 10.91 5.46 -33.06
CA GLU A 553 11.12 4.82 -31.78
C GLU A 553 12.04 5.66 -30.89
N GLU A 554 13.29 5.80 -31.31
CA GLU A 554 14.26 6.65 -30.64
C GLU A 554 13.59 7.79 -29.88
N ARG A 555 12.74 8.54 -30.58
CA ARG A 555 12.11 9.74 -30.03
C ARG A 555 10.93 9.41 -29.12
N HIS A 556 10.28 8.28 -29.36
CA HIS A 556 8.98 8.03 -28.73
C HIS A 556 8.86 6.81 -27.81
N LEU A 557 9.80 5.86 -27.89
CA LEU A 557 9.93 4.77 -26.91
C LEU A 557 11.25 4.88 -26.16
N LEU A 558 11.35 5.86 -25.29
CA LEU A 558 12.61 6.16 -24.60
C LEU A 558 13.09 5.03 -23.70
N TYR A 559 12.20 4.14 -23.28
CA TYR A 559 12.60 3.08 -22.35
C TYR A 559 12.28 1.70 -22.90
N GLY A 560 12.12 1.63 -24.22
CA GLY A 560 11.88 0.35 -24.88
C GLY A 560 10.40 0.12 -25.02
N ARG A 561 10.02 -0.82 -25.87
CA ARG A 561 8.62 -1.12 -26.01
C ARG A 561 8.19 -1.93 -24.80
N PRO A 562 6.96 -1.70 -24.31
CA PRO A 562 6.43 -2.54 -23.23
C PRO A 562 6.35 -4.00 -23.69
N ALA A 563 6.57 -4.95 -22.78
CA ALA A 563 6.40 -6.36 -23.13
C ALA A 563 4.99 -6.80 -22.78
N VAL A 564 4.35 -7.51 -23.71
CA VAL A 564 3.01 -8.04 -23.50
C VAL A 564 3.16 -9.39 -22.83
N LEU A 565 2.58 -9.53 -21.65
CA LEU A 565 2.81 -10.72 -20.86
C LEU A 565 1.64 -11.69 -20.87
N TYR A 566 0.83 -11.63 -21.92
CA TYR A 566 -0.26 -12.58 -22.08
C TYR A 566 -0.39 -12.93 -23.56
N ARG A 567 -1.19 -13.94 -23.86
CA ARG A 567 -1.35 -14.38 -25.24
C ARG A 567 -2.39 -13.54 -25.98
N THR A 568 -1.96 -12.90 -27.05
CA THR A 568 -2.83 -12.01 -27.79
C THR A 568 -2.13 -11.61 -29.08
N SER A 569 -2.84 -10.86 -29.92
CA SER A 569 -2.32 -10.47 -31.22
C SER A 569 -2.38 -8.95 -31.37
N TYR A 570 -1.24 -8.33 -31.63
CA TYR A 570 -1.15 -6.87 -31.75
C TYR A 570 -0.09 -6.41 -32.75
N ASP A 571 -0.25 -5.20 -33.25
CA ASP A 571 0.67 -4.64 -34.24
C ASP A 571 1.42 -3.44 -33.68
N ILE A 572 2.69 -3.31 -34.00
CA ILE A 572 3.37 -2.04 -33.77
C ILE A 572 3.02 -1.10 -34.90
N LEU A 573 2.72 0.15 -34.58
CA LEU A 573 2.47 1.16 -35.58
C LEU A 573 3.35 2.36 -35.28
N TYR A 574 4.07 2.84 -36.30
CA TYR A 574 4.93 4.01 -36.13
C TYR A 574 4.30 5.24 -36.75
N HIS A 575 4.65 6.41 -36.22
CA HIS A 575 4.11 7.66 -36.73
C HIS A 575 5.14 8.71 -36.43
N THR A 576 5.05 9.85 -37.10
CA THR A 576 6.00 10.92 -36.84
C THR A 576 6.00 11.26 -35.35
N ASP A 577 4.80 11.37 -34.78
CA ASP A 577 4.64 11.92 -33.43
C ASP A 577 4.37 10.91 -32.33
N PHE A 578 4.20 9.65 -32.68
CA PHE A 578 3.85 8.64 -31.67
C PHE A 578 3.93 7.22 -32.21
N GLU A 579 4.10 6.28 -31.29
CA GLU A 579 4.11 4.87 -31.62
C GLU A 579 3.03 4.20 -30.77
N SER A 580 2.58 3.02 -31.20
CA SER A 580 1.55 2.31 -30.48
C SER A 580 1.61 0.81 -30.70
N GLY A 581 1.11 0.06 -29.72
CA GLY A 581 0.89 -1.36 -29.86
C GLY A 581 -0.59 -1.58 -30.04
N TYR A 582 -1.03 -1.66 -31.30
CA TYR A 582 -2.45 -1.76 -31.61
C TYR A 582 -2.94 -3.18 -31.50
N SER A 583 -3.99 -3.41 -30.72
CA SER A 583 -4.46 -4.76 -30.50
C SER A 583 -5.49 -5.10 -31.55
N GLU A 584 -5.28 -6.19 -32.26
CA GLU A 584 -6.26 -6.65 -33.24
C GLU A 584 -7.43 -7.37 -32.58
N ILE A 585 -7.34 -7.56 -31.27
CA ILE A 585 -8.38 -8.27 -30.53
C ILE A 585 -9.34 -7.29 -29.89
N PHE A 586 -8.78 -6.26 -29.26
CA PHE A 586 -9.61 -5.29 -28.56
C PHE A 586 -9.84 -4.06 -29.41
N LEU A 587 -9.26 -4.06 -30.61
CA LEU A 587 -9.58 -3.08 -31.63
C LEU A 587 -9.17 -1.68 -31.25
N MET A 588 -8.08 -1.58 -30.49
CA MET A 588 -7.53 -0.31 -30.08
C MET A 588 -6.16 -0.60 -29.49
N PRO A 589 -5.33 0.44 -29.35
CA PRO A 589 -3.99 0.30 -28.76
C PRO A 589 -4.05 -0.21 -27.32
N LEU A 590 -3.11 -1.08 -26.95
CA LEU A 590 -2.92 -1.45 -25.55
C LEU A 590 -2.10 -0.34 -24.92
N TRP A 591 -1.37 0.38 -25.77
CA TRP A 591 -0.50 1.46 -25.35
C TRP A 591 -0.12 2.39 -26.49
N THR A 592 0.06 3.67 -26.18
CA THR A 592 0.41 4.67 -27.19
C THR A 592 1.50 5.52 -26.56
N SER A 593 2.66 5.57 -27.17
CA SER A 593 3.81 6.21 -26.54
C SER A 593 4.31 7.40 -27.35
N TYR A 594 4.55 8.53 -26.69
CA TYR A 594 5.01 9.73 -27.38
C TYR A 594 5.76 10.70 -26.49
N THR A 595 6.73 11.41 -27.07
CA THR A 595 7.48 12.43 -26.33
C THR A 595 7.09 13.86 -26.72
N ILE A 596 6.98 14.71 -25.70
CA ILE A 596 6.64 16.12 -25.87
C ILE A 596 7.74 16.96 -25.25
N SER A 597 8.48 17.68 -26.10
CA SER A 597 9.57 18.51 -25.62
C SER A 597 9.03 19.74 -24.90
N LYS A 598 9.87 20.29 -24.02
CA LYS A 598 9.53 21.48 -23.26
C LYS A 598 8.98 22.60 -24.13
N GLN A 599 9.50 22.70 -25.35
CA GLN A 599 9.15 23.81 -26.24
C GLN A 599 7.92 23.54 -27.11
N ALA A 600 7.51 22.28 -27.16
CA ALA A 600 6.43 21.84 -28.05
C ALA A 600 5.30 22.87 -28.20
N GLU A 601 4.72 22.92 -29.38
CA GLU A 601 3.64 23.85 -29.68
C GLU A 601 2.28 23.19 -29.62
N VAL A 602 1.37 23.78 -28.83
CA VAL A 602 -0.02 23.35 -28.80
C VAL A 602 -0.79 23.95 -29.98
N SER A 603 -1.16 23.08 -30.93
CA SER A 603 -1.93 23.53 -32.09
C SER A 603 -3.39 23.09 -32.00
N SER A 604 -4.28 23.90 -32.58
CA SER A 604 -5.72 23.63 -32.53
C SER A 604 -6.12 22.51 -33.51
N ILE A 605 -7.33 21.99 -33.33
CA ILE A 605 -7.90 21.07 -34.31
C ILE A 605 -8.78 21.89 -35.26
N PRO A 606 -8.36 22.01 -36.52
CA PRO A 606 -9.12 22.79 -37.51
C PRO A 606 -10.58 22.37 -37.58
N GLU A 607 -11.48 23.34 -37.76
CA GLU A 607 -12.91 23.09 -37.71
C GLU A 607 -13.36 22.01 -38.69
N HIS A 608 -12.67 21.89 -39.82
CA HIS A 608 -13.08 20.94 -40.84
C HIS A 608 -12.66 19.52 -40.52
N LEU A 609 -11.82 19.36 -39.50
CA LEU A 609 -11.29 18.06 -39.09
C LEU A 609 -11.98 17.52 -37.86
N THR A 610 -12.89 18.32 -37.31
CA THR A 610 -13.62 17.98 -36.09
C THR A 610 -14.04 16.52 -36.04
N ASN A 611 -14.79 16.09 -37.05
CA ASN A 611 -15.25 14.70 -37.11
C ASN A 611 -14.39 13.81 -37.99
N CYS A 612 -13.14 14.22 -38.23
CA CYS A 612 -12.28 13.44 -39.11
C CYS A 612 -11.81 12.13 -38.48
N VAL A 613 -12.18 11.01 -39.09
CA VAL A 613 -11.61 9.72 -38.74
C VAL A 613 -11.19 8.97 -39.99
N ARG A 614 -9.93 8.56 -40.04
CA ARG A 614 -9.37 7.96 -41.26
C ARG A 614 -9.00 6.49 -41.03
N PRO A 615 -9.44 5.60 -41.93
CA PRO A 615 -9.01 4.20 -41.87
C PRO A 615 -7.50 4.10 -41.95
N ASP A 616 -6.95 2.99 -41.49
CA ASP A 616 -5.50 2.80 -41.41
C ASP A 616 -5.09 1.63 -42.31
N VAL A 617 -4.54 1.96 -43.47
CA VAL A 617 -4.25 0.97 -44.48
C VAL A 617 -3.24 -0.11 -44.04
N ARG A 618 -2.71 0.01 -42.84
CA ARG A 618 -1.83 -1.03 -42.30
C ARG A 618 -2.62 -2.15 -41.61
N VAL A 619 -3.86 -1.83 -41.24
CA VAL A 619 -4.64 -2.74 -40.40
C VAL A 619 -5.96 -3.08 -41.07
N SER A 620 -6.28 -4.37 -41.06
CA SER A 620 -7.46 -4.88 -41.74
C SER A 620 -8.73 -4.16 -41.35
N PRO A 621 -9.66 -4.00 -42.32
CA PRO A 621 -10.99 -3.48 -41.97
C PRO A 621 -11.66 -4.35 -40.91
N GLY A 622 -11.38 -5.64 -40.95
CA GLY A 622 -11.97 -6.58 -39.99
C GLY A 622 -11.45 -6.40 -38.57
N PHE A 623 -10.27 -5.81 -38.44
CA PHE A 623 -9.65 -5.57 -37.13
C PHE A 623 -9.65 -4.07 -36.82
N SER A 624 -10.66 -3.36 -37.32
CA SER A 624 -10.78 -1.93 -37.08
C SER A 624 -12.12 -1.62 -36.43
N GLN A 625 -12.17 -0.49 -35.72
CA GLN A 625 -13.43 0.06 -35.23
C GLN A 625 -14.13 0.71 -36.42
N ASN A 626 -15.41 1.04 -36.25
CA ASN A 626 -16.12 1.79 -37.28
C ASN A 626 -16.90 2.95 -36.68
N CYS A 627 -16.99 4.03 -37.42
CA CYS A 627 -17.61 5.23 -36.90
C CYS A 627 -19.13 5.11 -36.79
N LEU A 628 -19.70 4.17 -37.54
CA LEU A 628 -21.15 3.97 -37.52
C LEU A 628 -21.63 3.63 -36.10
N ALA A 629 -20.88 2.75 -35.44
CA ALA A 629 -21.19 2.38 -34.06
C ALA A 629 -21.27 3.64 -33.20
N TYR A 630 -20.29 4.53 -33.36
CA TYR A 630 -20.35 5.77 -32.63
C TYR A 630 -21.53 6.61 -33.07
N LYS A 631 -21.64 6.89 -34.36
CA LYS A 631 -22.79 7.65 -34.86
C LYS A 631 -24.12 7.22 -34.20
N ASN A 632 -24.32 5.92 -34.05
CA ASN A 632 -25.57 5.36 -33.54
C ASN A 632 -25.72 5.24 -32.02
N ASP A 633 -24.61 5.01 -31.32
CA ASP A 633 -24.65 4.93 -29.86
C ASP A 633 -24.93 6.33 -29.35
N LYS A 634 -26.12 6.58 -28.80
CA LYS A 634 -26.49 7.94 -28.42
C LYS A 634 -25.77 8.44 -27.15
N GLN A 635 -25.04 7.55 -26.49
CA GLN A 635 -24.42 7.88 -25.21
C GLN A 635 -22.90 7.94 -25.25
N MET A 636 -22.31 7.18 -26.17
CA MET A 636 -20.86 7.04 -26.21
C MET A 636 -20.25 7.79 -27.35
N SER A 637 -19.27 8.65 -27.09
CA SER A 637 -18.50 9.26 -28.17
C SER A 637 -17.11 8.62 -28.27
N TYR A 638 -16.11 9.37 -28.74
CA TYR A 638 -14.79 8.81 -28.88
C TYR A 638 -13.71 9.83 -28.61
N GLY A 639 -12.48 9.37 -28.40
CA GLY A 639 -11.35 10.27 -28.28
C GLY A 639 -10.10 9.65 -28.83
N PHE A 640 -8.98 10.35 -28.71
CA PHE A 640 -7.73 9.84 -29.23
C PHE A 640 -6.67 9.70 -28.14
N LEU A 641 -5.88 8.63 -28.20
CA LEU A 641 -4.79 8.47 -27.25
C LEU A 641 -3.62 9.43 -27.53
N PHE A 642 -3.19 9.54 -28.78
CA PHE A 642 -2.29 10.64 -29.13
C PHE A 642 -3.13 11.86 -29.54
N PRO A 643 -2.93 12.99 -28.84
CA PRO A 643 -3.78 14.17 -29.01
C PRO A 643 -3.39 15.00 -30.23
N PRO A 644 -4.33 15.19 -31.17
CA PRO A 644 -4.06 16.00 -32.36
C PRO A 644 -3.54 17.38 -31.99
N TYR A 645 -3.83 17.82 -30.78
CA TYR A 645 -3.36 19.13 -30.30
C TYR A 645 -1.83 19.23 -30.22
N LEU A 646 -1.15 18.09 -30.25
CA LEU A 646 0.29 18.10 -30.02
C LEU A 646 1.05 17.61 -31.25
N SER A 647 0.32 17.53 -32.36
CA SER A 647 0.89 17.20 -33.66
C SER A 647 2.07 18.12 -33.95
N SER A 648 3.06 17.58 -34.66
CA SER A 648 4.30 18.29 -34.92
C SER A 648 4.24 19.15 -36.17
N SER A 649 3.08 19.16 -36.82
CA SER A 649 2.89 19.90 -38.06
C SER A 649 1.49 19.64 -38.58
N PRO A 650 0.85 20.68 -39.16
CA PRO A 650 -0.49 20.51 -39.73
C PRO A 650 -0.53 19.23 -40.56
N GLU A 651 0.62 18.85 -41.10
CA GLU A 651 0.75 17.60 -41.85
C GLU A 651 0.47 16.40 -40.95
N ALA A 652 1.38 16.17 -40.00
CA ALA A 652 1.36 15.01 -39.11
C ALA A 652 0.04 14.83 -38.37
N LYS A 653 -0.58 15.94 -37.99
CA LYS A 653 -1.85 15.92 -37.30
C LYS A 653 -2.87 14.98 -37.94
N TYR A 654 -2.72 14.73 -39.23
CA TYR A 654 -3.64 13.83 -39.93
C TYR A 654 -3.47 12.40 -39.45
N ASP A 655 -2.30 12.07 -38.90
CA ASP A 655 -2.05 10.75 -38.32
C ASP A 655 -2.91 10.52 -37.09
N ALA A 656 -3.15 11.60 -36.35
CA ALA A 656 -3.85 11.50 -35.07
C ALA A 656 -5.31 11.06 -35.24
N PHE A 657 -5.85 11.25 -36.43
CA PHE A 657 -7.26 10.93 -36.68
C PHE A 657 -7.44 9.52 -37.21
N LEU A 658 -6.38 8.73 -37.22
CA LEU A 658 -6.49 7.37 -37.71
C LEU A 658 -7.43 6.59 -36.82
N VAL A 659 -8.13 5.62 -37.39
CA VAL A 659 -9.10 4.83 -36.66
C VAL A 659 -8.40 4.01 -35.56
N THR A 660 -7.09 3.87 -35.70
CA THR A 660 -6.29 3.02 -34.82
C THR A 660 -5.72 3.84 -33.66
N ASN A 661 -6.03 5.12 -33.65
CA ASN A 661 -5.69 5.98 -32.54
C ASN A 661 -6.95 6.33 -31.72
N MET A 662 -8.12 5.84 -32.15
CA MET A 662 -9.38 6.21 -31.51
C MET A 662 -9.83 5.24 -30.40
N VAL A 663 -10.45 5.80 -29.35
CA VAL A 663 -10.98 4.95 -28.26
C VAL A 663 -12.34 5.44 -27.81
N PRO A 664 -13.17 4.51 -27.30
CA PRO A 664 -14.52 4.93 -26.90
C PRO A 664 -14.51 5.72 -25.60
N MET A 665 -15.07 6.92 -25.63
CA MET A 665 -15.15 7.73 -24.43
C MET A 665 -16.51 8.40 -24.25
N TYR A 666 -17.08 8.29 -23.07
CA TYR A 666 -18.28 9.07 -22.74
C TYR A 666 -17.96 10.55 -22.85
N PRO A 667 -18.95 11.36 -23.27
CA PRO A 667 -18.77 12.81 -23.22
C PRO A 667 -18.27 13.32 -21.85
N ALA A 668 -18.82 12.79 -20.76
CA ALA A 668 -18.35 13.16 -19.42
C ALA A 668 -16.86 12.95 -19.29
N PHE A 669 -16.39 11.80 -19.73
CA PHE A 669 -14.97 11.54 -19.68
C PHE A 669 -14.17 12.44 -20.63
N LYS A 670 -14.74 12.70 -21.80
CA LYS A 670 -14.08 13.57 -22.76
C LYS A 670 -13.71 14.93 -22.15
N ARG A 671 -14.56 15.43 -21.25
CA ARG A 671 -14.29 16.71 -20.60
C ARG A 671 -12.96 16.70 -19.88
N VAL A 672 -12.72 15.58 -19.20
CA VAL A 672 -11.47 15.36 -18.51
C VAL A 672 -10.32 15.11 -19.49
N TRP A 673 -10.52 14.19 -20.42
CA TRP A 673 -9.45 13.74 -21.29
C TRP A 673 -8.97 14.88 -22.20
N THR A 674 -9.89 15.70 -22.69
CA THR A 674 -9.47 16.76 -23.58
C THR A 674 -8.66 17.78 -22.81
N TYR A 675 -9.13 18.12 -21.62
CA TYR A 675 -8.39 19.05 -20.80
C TYR A 675 -6.98 18.51 -20.58
N PHE A 676 -6.89 17.20 -20.36
CA PHE A 676 -5.60 16.54 -20.12
C PHE A 676 -4.70 16.61 -21.34
N GLN A 677 -5.25 16.26 -22.49
CA GLN A 677 -4.50 16.22 -23.74
C GLN A 677 -4.07 17.62 -24.17
N ARG A 678 -4.98 18.58 -24.03
CA ARG A 678 -4.81 19.92 -24.58
C ARG A 678 -4.05 20.86 -23.65
N VAL A 679 -4.37 20.82 -22.36
CA VAL A 679 -3.76 21.74 -21.41
C VAL A 679 -2.66 21.07 -20.59
N LEU A 680 -2.98 19.95 -19.95
CA LEU A 680 -2.10 19.36 -18.95
C LEU A 680 -0.77 18.75 -19.44
N VAL A 681 -0.79 18.00 -20.54
CA VAL A 681 0.42 17.35 -21.01
C VAL A 681 1.47 18.40 -21.32
N LYS A 682 1.06 19.47 -21.99
CA LYS A 682 1.96 20.56 -22.28
C LYS A 682 2.46 21.20 -20.98
N LYS A 683 1.57 21.40 -20.02
CA LYS A 683 1.98 21.97 -18.74
C LYS A 683 3.06 21.11 -18.08
N TYR A 684 2.91 19.79 -18.15
CA TYR A 684 3.92 18.89 -17.59
C TYR A 684 5.24 18.98 -18.36
N ALA A 685 5.16 18.96 -19.70
CA ALA A 685 6.34 19.12 -20.53
C ALA A 685 7.08 20.39 -20.16
N SER A 686 6.33 21.45 -19.93
CA SER A 686 6.92 22.73 -19.62
C SER A 686 7.62 22.71 -18.26
N GLU A 687 6.94 22.11 -17.27
CA GLU A 687 7.43 22.08 -15.88
C GLU A 687 8.56 21.08 -15.62
N ARG A 688 8.66 20.04 -16.45
CA ARG A 688 9.59 18.95 -16.19
C ARG A 688 10.69 18.84 -17.24
N ASN A 689 10.73 19.83 -18.14
CA ASN A 689 11.69 19.84 -19.24
C ASN A 689 11.38 18.73 -20.22
N GLY A 690 10.16 18.72 -20.72
CA GLY A 690 9.70 17.68 -21.63
C GLY A 690 9.17 16.48 -20.87
N VAL A 691 8.23 15.74 -21.48
CA VAL A 691 7.74 14.50 -20.89
C VAL A 691 7.56 13.40 -21.94
N ASN A 692 7.78 12.17 -21.51
CA ASN A 692 7.38 11.02 -22.30
C ASN A 692 6.10 10.43 -21.72
N VAL A 693 5.13 10.20 -22.59
CA VAL A 693 3.81 9.77 -22.18
C VAL A 693 3.48 8.40 -22.76
N ILE A 694 2.97 7.50 -21.94
CA ILE A 694 2.35 6.30 -22.47
C ILE A 694 0.92 6.24 -21.93
N SER A 695 -0.04 6.14 -22.83
CA SER A 695 -1.44 6.12 -22.45
C SER A 695 -2.09 4.90 -23.03
N GLY A 696 -3.23 4.52 -22.46
CA GLY A 696 -3.95 3.36 -22.95
C GLY A 696 -5.19 3.08 -22.14
N PRO A 697 -5.97 2.11 -22.59
CA PRO A 697 -7.18 1.62 -21.93
C PRO A 697 -6.85 0.56 -20.89
N ILE A 698 -7.77 0.40 -19.92
CA ILE A 698 -7.73 -0.66 -18.90
C ILE A 698 -9.11 -1.27 -18.85
N PHE A 699 -9.18 -2.61 -18.79
CA PHE A 699 -10.44 -3.32 -18.60
C PHE A 699 -10.43 -4.12 -17.28
N ASP A 700 -11.22 -3.65 -16.32
CA ASP A 700 -11.33 -4.33 -15.06
C ASP A 700 -12.77 -4.35 -14.58
N TYR A 701 -13.65 -5.03 -15.32
CA TYR A 701 -15.07 -5.08 -15.01
C TYR A 701 -15.38 -5.82 -13.72
N ASN A 702 -14.51 -6.76 -13.32
CA ASN A 702 -14.71 -7.47 -12.06
C ASN A 702 -13.90 -6.90 -10.89
N TYR A 703 -13.41 -5.68 -11.07
CA TYR A 703 -12.73 -4.94 -10.01
C TYR A 703 -11.77 -5.73 -9.13
N ASN A 704 -10.97 -6.58 -9.76
CA ASN A 704 -9.97 -7.34 -9.02
C ASN A 704 -8.55 -6.79 -9.22
N GLY A 705 -8.43 -5.67 -9.93
CA GLY A 705 -7.15 -5.01 -10.04
C GLY A 705 -6.26 -5.65 -11.08
N LEU A 706 -6.83 -6.59 -11.85
CA LEU A 706 -6.05 -7.39 -12.81
C LEU A 706 -6.68 -7.29 -14.20
N ARG A 707 -5.85 -7.29 -15.24
CA ARG A 707 -6.30 -7.29 -16.62
C ARG A 707 -7.47 -8.26 -16.86
N ASP A 708 -8.58 -7.77 -17.41
CA ASP A 708 -9.70 -8.66 -17.76
C ASP A 708 -9.33 -9.56 -18.96
N ILE A 709 -9.83 -10.79 -18.95
CA ILE A 709 -9.85 -11.60 -20.17
C ILE A 709 -11.09 -11.21 -20.94
N GLU A 710 -11.16 -11.60 -22.22
CA GLU A 710 -12.26 -11.15 -23.08
C GLU A 710 -13.62 -11.40 -22.45
N ASP A 711 -13.73 -12.56 -21.81
CA ASP A 711 -14.99 -13.00 -21.27
C ASP A 711 -15.51 -12.11 -20.15
N GLU A 712 -14.61 -11.37 -19.53
CA GLU A 712 -14.97 -10.58 -18.35
C GLU A 712 -15.42 -9.18 -18.72
N ILE A 713 -15.19 -8.81 -19.97
CA ILE A 713 -15.60 -7.49 -20.45
C ILE A 713 -17.10 -7.51 -20.65
N LYS A 714 -17.80 -6.48 -20.17
CA LYS A 714 -19.26 -6.56 -20.13
C LYS A 714 -19.96 -5.46 -20.87
N GLN A 715 -19.19 -4.56 -21.49
CA GLN A 715 -19.81 -3.45 -22.20
C GLN A 715 -19.10 -3.13 -23.49
N TYR A 716 -19.88 -2.90 -24.55
CA TYR A 716 -19.36 -2.66 -25.91
C TYR A 716 -20.05 -1.43 -26.50
N VAL A 717 -19.41 -0.77 -27.44
CA VAL A 717 -20.09 0.31 -28.15
C VAL A 717 -21.34 -0.26 -28.82
N GLU A 718 -22.42 0.51 -28.76
CA GLU A 718 -23.73 0.02 -29.21
C GLU A 718 -23.66 -0.64 -30.59
N GLY A 719 -24.20 -1.85 -30.68
CA GLY A 719 -24.31 -2.57 -31.93
C GLY A 719 -23.01 -3.09 -32.50
N SER A 720 -21.96 -3.08 -31.68
CA SER A 720 -20.63 -3.45 -32.16
C SER A 720 -19.93 -4.42 -31.22
N SER A 721 -18.68 -4.75 -31.55
CA SER A 721 -17.84 -5.53 -30.64
C SER A 721 -16.62 -4.73 -30.14
N ILE A 722 -16.72 -3.40 -30.19
CA ILE A 722 -15.70 -2.54 -29.61
C ILE A 722 -15.90 -2.49 -28.10
N PRO A 723 -14.92 -3.03 -27.34
CA PRO A 723 -15.08 -3.09 -25.87
C PRO A 723 -14.81 -1.73 -25.26
N VAL A 724 -15.49 -1.44 -24.15
CA VAL A 724 -15.39 -0.15 -23.49
C VAL A 724 -14.51 -0.29 -22.25
N PRO A 725 -13.42 0.46 -22.21
CA PRO A 725 -12.51 0.44 -21.04
C PRO A 725 -13.21 0.95 -19.79
N THR A 726 -12.86 0.38 -18.64
CA THR A 726 -13.35 0.90 -17.36
C THR A 726 -12.52 2.10 -16.89
N HIS A 727 -11.30 2.20 -17.42
CA HIS A 727 -10.36 3.25 -17.03
C HIS A 727 -9.43 3.56 -18.18
N TYR A 728 -8.83 4.75 -18.15
CA TYR A 728 -7.73 5.06 -19.04
C TYR A 728 -6.52 5.47 -18.21
N TYR A 729 -5.34 5.02 -18.60
CA TYR A 729 -4.14 5.28 -17.82
C TYR A 729 -3.19 6.17 -18.60
N SER A 730 -2.37 6.91 -17.88
CA SER A 730 -1.29 7.60 -18.53
C SER A 730 -0.09 7.53 -17.60
N ILE A 731 1.07 7.23 -18.17
CA ILE A 731 2.33 7.17 -17.44
C ILE A 731 3.24 8.25 -18.01
N ILE A 732 3.57 9.23 -17.18
CA ILE A 732 4.31 10.41 -17.63
C ILE A 732 5.70 10.41 -17.00
N THR A 733 6.72 10.24 -17.84
CA THR A 733 8.08 10.06 -17.37
C THR A 733 8.98 11.21 -17.83
N SER A 734 9.92 11.60 -16.99
CA SER A 734 10.94 12.58 -17.37
C SER A 734 12.24 12.30 -16.63
N CYS A 735 13.19 13.23 -16.74
CA CYS A 735 14.48 12.99 -16.14
C CYS A 735 14.41 13.52 -14.73
N LEU A 736 14.91 12.75 -13.76
CA LEU A 736 14.89 13.21 -12.38
C LEU A 736 15.66 14.52 -12.25
N ASP A 737 16.82 14.57 -12.90
CA ASP A 737 17.57 15.82 -13.01
C ASP A 737 16.87 16.65 -14.06
N PHE A 738 16.02 17.59 -13.64
CA PHE A 738 15.20 18.34 -14.58
C PHE A 738 16.03 19.21 -15.51
N THR A 739 17.32 19.35 -15.22
CA THR A 739 18.17 20.18 -16.09
C THR A 739 18.46 19.48 -17.41
N GLN A 740 18.27 18.16 -17.43
CA GLN A 740 18.37 17.40 -18.68
C GLN A 740 16.98 17.13 -19.22
N PRO A 741 16.84 17.22 -20.55
CA PRO A 741 15.55 16.96 -21.20
C PRO A 741 15.24 15.47 -21.13
N ALA A 742 13.96 15.14 -21.16
CA ALA A 742 13.51 13.76 -21.00
C ALA A 742 14.17 12.80 -22.00
N ASP A 743 14.40 13.27 -23.22
CA ASP A 743 14.91 12.40 -24.29
C ASP A 743 16.43 12.25 -24.25
N LYS A 744 17.07 12.98 -23.35
CA LYS A 744 18.51 12.95 -23.22
C LYS A 744 18.90 12.86 -21.76
N CYS A 745 18.22 11.97 -21.03
CA CYS A 745 18.44 11.83 -19.60
C CYS A 745 19.50 10.77 -19.36
N ASP A 746 20.52 11.11 -18.58
CA ASP A 746 21.60 10.18 -18.32
C ASP A 746 21.46 9.34 -17.05
N GLY A 747 20.58 9.75 -16.14
CA GLY A 747 20.46 9.09 -14.84
C GLY A 747 19.04 8.72 -14.45
N PRO A 748 18.73 8.82 -13.14
CA PRO A 748 17.44 8.38 -12.62
C PRO A 748 16.26 9.09 -13.28
N LEU A 749 15.12 8.42 -13.33
CA LEU A 749 13.91 8.96 -13.94
C LEU A 749 12.92 9.49 -12.89
N SER A 750 11.99 10.32 -13.35
CA SER A 750 10.89 10.81 -12.53
C SER A 750 9.59 10.38 -13.19
N VAL A 751 8.64 9.83 -12.43
CA VAL A 751 7.42 9.34 -13.03
C VAL A 751 6.19 9.76 -12.20
N SER A 752 5.10 10.11 -12.87
CA SER A 752 3.79 10.21 -12.23
C SER A 752 2.80 9.53 -13.16
N SER A 753 1.78 8.88 -12.62
CA SER A 753 0.85 8.18 -13.50
C SER A 753 -0.55 8.29 -12.92
N PHE A 754 -1.53 7.97 -13.74
CA PHE A 754 -2.93 8.02 -13.32
C PHE A 754 -3.69 6.85 -13.89
N ILE A 755 -4.78 6.49 -13.22
CA ILE A 755 -5.76 5.56 -13.72
C ILE A 755 -7.15 6.22 -13.55
N LEU A 756 -7.65 6.83 -14.62
CA LEU A 756 -8.83 7.67 -14.52
C LEU A 756 -10.07 6.81 -14.80
N PRO A 757 -11.09 6.90 -13.94
CA PRO A 757 -12.28 6.09 -14.17
C PRO A 757 -13.07 6.56 -15.40
N HIS A 758 -13.48 5.60 -16.21
CA HIS A 758 -14.26 5.91 -17.40
C HIS A 758 -15.75 5.82 -17.02
N ARG A 759 -16.34 6.96 -16.71
CA ARG A 759 -17.71 6.99 -16.18
C ARG A 759 -18.62 7.87 -17.07
N PRO A 760 -19.93 7.58 -17.11
CA PRO A 760 -20.87 8.27 -18.00
C PRO A 760 -21.29 9.64 -17.46
N ASP A 761 -20.93 9.94 -16.22
CA ASP A 761 -21.19 11.25 -15.63
C ASP A 761 -19.98 11.67 -14.81
N ASN A 762 -19.96 12.95 -14.43
CA ASN A 762 -18.95 13.47 -13.51
C ASN A 762 -19.51 13.67 -12.10
N ASP A 763 -20.35 12.74 -11.64
CA ASP A 763 -20.98 12.92 -10.33
C ASP A 763 -19.93 12.92 -9.22
N GLU A 764 -18.82 12.25 -9.48
CA GLU A 764 -17.69 12.23 -8.52
C GLU A 764 -17.18 13.64 -8.20
N SER A 765 -17.22 14.52 -9.22
CA SER A 765 -16.65 15.88 -9.09
C SER A 765 -17.73 16.92 -8.84
N CYS A 766 -17.88 17.35 -7.59
CA CYS A 766 -18.98 18.24 -7.23
C CYS A 766 -18.97 19.58 -7.95
N ASN A 767 -17.81 20.00 -8.44
CA ASN A 767 -17.67 21.29 -9.12
C ASN A 767 -17.65 21.18 -10.65
N SER A 768 -18.01 20.02 -11.20
CA SER A 768 -17.84 19.81 -12.63
C SER A 768 -18.75 20.70 -13.49
N SER A 769 -19.68 21.43 -12.88
CA SER A 769 -20.51 22.32 -13.70
C SER A 769 -19.71 23.52 -14.15
N GLU A 770 -18.58 23.74 -13.48
CA GLU A 770 -17.67 24.83 -13.79
C GLU A 770 -16.69 24.45 -14.89
N ASP A 771 -15.82 25.39 -15.26
CA ASP A 771 -14.82 25.12 -16.28
C ASP A 771 -13.86 24.03 -15.79
N GLU A 772 -13.41 23.18 -16.71
CA GLU A 772 -12.48 22.09 -16.40
C GLU A 772 -11.27 22.53 -15.56
N SER A 773 -10.88 23.80 -15.70
CA SER A 773 -9.75 24.31 -14.93
C SER A 773 -10.07 24.39 -13.42
N LYS A 774 -11.33 24.19 -13.08
CA LYS A 774 -11.74 24.28 -11.70
C LYS A 774 -11.94 22.92 -11.06
N TRP A 775 -11.85 21.85 -11.83
CA TRP A 775 -12.12 20.54 -11.22
C TRP A 775 -11.35 19.33 -11.75
N VAL A 776 -10.89 19.36 -12.99
CA VAL A 776 -10.27 18.17 -13.57
C VAL A 776 -8.99 17.74 -12.84
N GLU A 777 -8.08 18.66 -12.55
CA GLU A 777 -6.84 18.25 -11.89
C GLU A 777 -7.12 17.65 -10.51
N GLU A 778 -8.12 18.19 -9.82
CA GLU A 778 -8.50 17.67 -8.52
C GLU A 778 -8.93 16.21 -8.65
N LEU A 779 -9.70 15.90 -9.68
CA LEU A 779 -10.11 14.52 -9.94
C LEU A 779 -8.91 13.65 -10.21
N MET A 780 -7.99 14.17 -11.01
CA MET A 780 -6.83 13.38 -11.42
C MET A 780 -5.94 13.05 -10.24
N LYS A 781 -5.75 14.01 -9.35
CA LYS A 781 -4.94 13.79 -8.17
C LYS A 781 -5.45 12.65 -7.31
N MET A 782 -6.78 12.52 -7.24
CA MET A 782 -7.39 11.48 -6.41
C MET A 782 -7.12 10.11 -7.03
N HIS A 783 -6.89 10.11 -8.35
CA HIS A 783 -6.72 8.86 -9.08
C HIS A 783 -5.31 8.65 -9.58
N THR A 784 -4.37 9.26 -8.87
CA THR A 784 -2.98 8.97 -9.05
C THR A 784 -2.74 7.48 -8.85
N ALA A 785 -1.69 6.96 -9.49
CA ALA A 785 -1.42 5.53 -9.41
C ALA A 785 0.06 5.19 -9.57
N ARG A 786 0.42 3.98 -9.16
CA ARG A 786 1.77 3.46 -9.45
C ARG A 786 1.84 2.83 -10.84
N VAL A 787 3.02 2.84 -11.47
CA VAL A 787 3.19 2.11 -12.71
C VAL A 787 2.84 0.63 -12.52
N ARG A 788 3.25 0.10 -11.38
CA ARG A 788 2.96 -1.29 -11.01
C ARG A 788 1.46 -1.58 -11.04
N ASP A 789 0.63 -0.63 -10.62
CA ASP A 789 -0.81 -0.81 -10.63
C ASP A 789 -1.29 -1.01 -12.07
N ILE A 790 -0.79 -0.15 -12.95
CA ILE A 790 -1.12 -0.21 -14.37
C ILE A 790 -0.65 -1.52 -14.99
N GLU A 791 0.53 -2.01 -14.56
CA GLU A 791 1.02 -3.29 -15.06
C GLU A 791 0.08 -4.46 -14.72
N HIS A 792 -0.42 -4.48 -13.49
CA HIS A 792 -1.38 -5.51 -13.09
C HIS A 792 -2.61 -5.43 -13.97
N LEU A 793 -3.07 -4.21 -14.22
CA LEU A 793 -4.33 -3.99 -14.89
C LEU A 793 -4.27 -4.19 -16.40
N THR A 794 -3.05 -4.24 -16.96
CA THR A 794 -2.86 -4.29 -18.44
C THR A 794 -2.12 -5.51 -18.96
N GLY A 795 -1.42 -6.22 -18.08
CA GLY A 795 -0.53 -7.27 -18.51
C GLY A 795 0.71 -6.77 -19.25
N LEU A 796 1.04 -5.49 -19.11
CA LEU A 796 2.20 -4.91 -19.80
C LEU A 796 3.37 -4.80 -18.81
N ASP A 797 4.61 -4.85 -19.30
CA ASP A 797 5.78 -4.65 -18.46
C ASP A 797 6.61 -3.49 -19.03
N PHE A 798 6.77 -2.43 -18.24
CA PHE A 798 7.35 -1.17 -18.71
C PHE A 798 8.84 -1.02 -18.34
N TYR A 799 9.51 -0.02 -18.92
CA TYR A 799 10.90 0.32 -18.60
C TYR A 799 11.90 -0.82 -18.77
N ARG A 800 11.75 -1.61 -19.82
CA ARG A 800 12.60 -2.77 -20.03
C ARG A 800 13.98 -2.46 -20.63
N LYS A 801 14.11 -1.29 -21.27
CA LYS A 801 15.39 -0.84 -21.83
C LYS A 801 15.81 0.51 -21.25
N THR A 802 16.61 0.48 -20.20
CA THR A 802 17.08 1.72 -19.60
C THR A 802 18.51 1.52 -19.19
N SER A 803 19.13 2.58 -18.70
CA SER A 803 20.51 2.53 -18.22
C SER A 803 20.57 2.31 -16.72
N ARG A 804 19.43 2.03 -16.09
CA ARG A 804 19.37 1.81 -14.64
C ARG A 804 19.34 0.33 -14.28
N SER A 805 19.65 0.01 -13.02
CA SER A 805 19.53 -1.37 -12.54
C SER A 805 18.07 -1.82 -12.53
N TYR A 806 17.85 -3.12 -12.59
CA TYR A 806 16.47 -3.61 -12.55
C TYR A 806 15.84 -3.22 -11.22
N SER A 807 16.59 -3.36 -10.13
CA SER A 807 16.13 -2.97 -8.79
C SER A 807 15.67 -1.51 -8.74
N GLU A 808 16.44 -0.63 -9.36
CA GLU A 808 16.05 0.78 -9.39
C GLU A 808 14.77 0.98 -10.16
N ILE A 809 14.62 0.26 -11.26
CA ILE A 809 13.42 0.38 -12.07
C ILE A 809 12.20 -0.12 -11.25
N LEU A 810 12.40 -1.19 -10.49
CA LEU A 810 11.33 -1.72 -9.63
C LEU A 810 10.89 -0.66 -8.60
N THR A 811 11.87 -0.01 -7.96
CA THR A 811 11.54 1.12 -7.10
C THR A 811 10.72 2.19 -7.82
N LEU A 812 11.15 2.55 -9.03
CA LEU A 812 10.44 3.53 -9.82
C LEU A 812 8.99 3.13 -10.08
N LYS A 813 8.79 1.86 -10.40
CA LYS A 813 7.46 1.37 -10.70
C LYS A 813 6.50 1.35 -9.48
N THR A 814 7.07 1.32 -8.28
CA THR A 814 6.22 1.33 -7.09
C THR A 814 5.93 2.73 -6.56
N TYR A 815 6.60 3.72 -7.14
CA TYR A 815 6.45 5.11 -6.70
C TYR A 815 5.01 5.58 -6.87
N LEU A 816 4.50 6.31 -5.89
CA LEU A 816 3.18 6.91 -6.03
C LEU A 816 3.31 8.40 -5.83
N HIS A 817 2.92 9.17 -6.83
CA HIS A 817 2.94 10.60 -6.69
C HIS A 817 1.66 11.01 -5.93
N THR A 818 1.82 11.47 -4.70
CA THR A 818 0.64 11.70 -3.83
C THR A 818 -0.02 13.08 -3.89
N TYR A 819 0.72 14.11 -4.29
CA TYR A 819 0.16 15.48 -4.30
C TYR A 819 -0.24 16.02 -2.92
N GLU A 820 0.42 15.55 -1.88
CA GLU A 820 0.15 16.03 -0.53
C GLU A 820 1.09 17.17 -0.11
#